data_2XDQ
#
_entry.id   2XDQ
#
_cell.length_a   192.095
_cell.length_b   192.095
_cell.length_c   132.504
_cell.angle_alpha   90.00
_cell.angle_beta   90.00
_cell.angle_gamma   120.00
#
_symmetry.space_group_name_H-M   'P 63 2 2'
#
loop_
_entity.id
_entity.type
_entity.pdbx_description
1 polymer 'LIGHT-INDEPENDENT PROTOCHLOROPHYLLIDE REDUCTASE SUBUNIT N'
2 polymer 'LIGHT-INDEPENDENT PROTOCHLOROPHYLLIDE REDUCTASE SUBUNIT B'
3 non-polymer 'IRON/SULFUR CLUSTER'
4 non-polymer 1-METHYLGUANIDINE
5 non-polymer 'SULFATE ION'
6 water water
#
loop_
_entity_poly.entity_id
_entity_poly.type
_entity_poly.pdbx_seq_one_letter_code
_entity_poly.pdbx_strand_id
1 'polypeptide(L)'
;MTVTAPNALNFECETGNYHTFCPISCVAWLYQKIEDSFFLVIGTKTCGYFLQNAMGVMIFAEPRYAMAELEEGDISAQLN
DYEELKRLCLEIKRDRNPSVIVWIGTCTTEIIKMDLEGLAPKLEAEIGIPIVVARANGLDYAFTQGEDTVLAAMAARCPT
STAISDPEERNPIQRLLNFGKKKEEVQAQSSQYHPHPPLVLFGSLPDPVVTQLTLELKKQGIKVSGWLPAKRYTELPVID
EGYYVAGVNPFLSRTATTLIRRRKCQLITAPFPIGPDGTRTWIEQICATFGIQPQGLAEREAETWQKLSDYLELVRGKSV
FFMGDNLLEISLARFLIRCGMRVLEIGIPYMDKRYQAAELALLSQTCAEMGHPLPTIVEKPDNYNQLQRIKALQPDLVIT
GMAHANPLEARGISTKWSVEFTFAQIHGFGNARDILELVTRPLRRNQALAGLGWQKLVAH
;
A
2 'polypeptide(L)'
;AAAMKLAYWMYAGPAHIGTLRIASSFKNVHGIMHAPLGDDYFNVMRSMLERERDFTPVTASIVDRHVLARGSQEKVVDNI
IRKDTEEHPDLIVLTPTCTSSILQEDLQNFVRRASLSTTADVLLADVNHYRVNELQAADRTLEQIVQFYIDKARRQGTLG
TSKTPTPSVNIIGITTLGFHNQHDCRELKQLMADLGIQVNLVIPAAATVHDLQRLPQAWFNLVPYREIGGLTAQYLEREF
GQPSVRITPMGVVETARCIRAIQGVLNAQGAGVNYEAFIEQQTREVSQAAWFSRSIDCQNLTGKKAVVFGDNTHAAAMTK
ILSREMGIHVVWAGTYCKYDADWFRAEVAGFCDEVLITDDHTVVGDAIARVEPAAIFGTQMERHVGKRLNIPCGVIAAPI
HIQDFPVGYRPFLGYEGTNQLVDLIYNSFTLGMEDHLLEIFGGHDTKAVIHKGLSADSDLTWTAAGLAELNKIPGFVRGK
VKRNTEKFAREQGISEITVEVLYAAKEAVGA
;
B
#
loop_
_chem_comp.id
_chem_comp.type
_chem_comp.name
_chem_comp.formula
MGX non-polymer 1-METHYLGUANIDINE 'C2 H7 N3'
SF4 non-polymer 'IRON/SULFUR CLUSTER' 'Fe4 S4'
SO4 non-polymer 'SULFATE ION' 'O4 S -2'
#
# COMPACT_ATOMS: atom_id res chain seq x y z
N PRO A 6 22.01 -7.37 37.35
CA PRO A 6 22.79 -8.60 37.62
C PRO A 6 22.23 -9.86 36.89
N ASN A 7 21.01 -9.72 36.34
CA ASN A 7 20.46 -10.63 35.30
C ASN A 7 20.07 -9.77 34.10
N ALA A 8 20.55 -10.16 32.92
CA ALA A 8 20.55 -9.28 31.78
C ALA A 8 19.30 -9.36 30.88
N LEU A 9 19.35 -8.61 29.78
CA LEU A 9 18.28 -8.58 28.81
C LEU A 9 18.00 -9.97 28.33
N ASN A 10 16.76 -10.21 27.94
CA ASN A 10 16.41 -11.50 27.42
C ASN A 10 16.03 -11.36 25.95
N PHE A 11 16.61 -12.23 25.13
CA PHE A 11 16.41 -12.20 23.69
C PHE A 11 15.62 -13.39 23.23
N GLU A 12 14.58 -13.14 22.46
CA GLU A 12 13.85 -14.26 21.91
C GLU A 12 13.76 -14.11 20.39
N CYS A 13 13.19 -15.10 19.73
CA CYS A 13 13.14 -15.15 18.27
C CYS A 13 11.88 -15.91 17.87
N GLU A 14 11.01 -15.29 17.09
CA GLU A 14 9.79 -16.00 16.71
C GLU A 14 9.83 -16.44 15.24
N THR A 15 8.66 -16.57 14.61
CA THR A 15 8.53 -17.14 13.25
C THR A 15 8.94 -16.21 12.11
N GLY A 16 9.23 -14.96 12.40
CA GLY A 16 9.42 -13.99 11.31
C GLY A 16 8.14 -13.60 10.53
N ASN A 17 6.97 -14.02 11.03
CA ASN A 17 5.66 -13.67 10.45
C ASN A 17 5.09 -12.39 10.95
N TYR A 18 5.51 -11.29 10.34
CA TYR A 18 5.09 -9.95 10.81
C TYR A 18 4.99 -8.94 9.64
N HIS A 19 4.33 -7.82 9.89
CA HIS A 19 4.22 -6.73 8.89
CA HIS A 19 4.19 -6.74 8.91
C HIS A 19 5.36 -5.74 8.98
N THR A 20 5.85 -5.29 7.83
CA THR A 20 6.89 -4.27 7.73
C THR A 20 6.96 -3.84 6.25
N PHE A 21 7.55 -2.69 5.95
CA PHE A 21 7.71 -2.16 4.57
C PHE A 21 8.89 -2.86 3.86
N CYS A 22 8.69 -3.25 2.60
CA CYS A 22 9.73 -3.85 1.80
C CYS A 22 10.83 -2.85 1.83
N PRO A 23 12.06 -3.32 1.80
CA PRO A 23 13.25 -2.48 1.88
C PRO A 23 13.41 -1.61 0.66
N ILE A 24 12.72 -1.95 -0.43
CA ILE A 24 12.81 -1.07 -1.62
C ILE A 24 12.20 0.29 -1.31
N SER A 25 11.55 0.42 -0.14
CA SER A 25 10.92 1.76 0.24
C SER A 25 12.01 2.81 0.42
N CYS A 26 13.25 2.34 0.62
CA CYS A 26 14.38 3.25 0.87
C CYS A 26 14.64 4.17 -0.29
N VAL A 27 14.07 3.82 -1.47
CA VAL A 27 14.21 4.70 -2.64
C VAL A 27 13.54 5.99 -2.37
N ALA A 28 12.38 5.91 -1.71
CA ALA A 28 11.54 7.12 -1.39
C ALA A 28 12.27 8.20 -0.65
N TRP A 29 12.98 7.88 0.43
CA TRP A 29 13.73 8.90 1.13
C TRP A 29 15.14 9.12 0.62
N LEU A 30 15.73 8.09 0.02
CA LEU A 30 17.08 8.23 -0.50
C LEU A 30 17.15 9.06 -1.78
N TYR A 31 16.15 8.95 -2.65
CA TYR A 31 16.16 9.80 -3.88
C TYR A 31 15.94 11.25 -3.49
N GLN A 32 15.08 11.43 -2.50
CA GLN A 32 14.88 12.70 -1.85
C GLN A 32 16.23 13.17 -1.25
N LYS A 33 17.01 12.27 -0.66
CA LYS A 33 18.27 12.66 -0.01
C LYS A 33 19.44 12.88 -1.02
N ILE A 34 19.71 11.91 -1.88
CA ILE A 34 20.75 12.05 -2.92
C ILE A 34 20.15 12.72 -4.19
N GLU A 35 20.34 14.04 -4.29
CA GLU A 35 19.62 14.95 -5.23
C GLU A 35 19.76 14.69 -6.74
N ASP A 36 20.88 14.08 -7.10
CA ASP A 36 21.25 13.83 -8.47
C ASP A 36 21.27 12.32 -8.75
N SER A 37 20.72 11.53 -7.84
CA SER A 37 20.67 10.11 -8.07
C SER A 37 19.46 9.76 -8.91
N PHE A 38 19.39 8.51 -9.36
CA PHE A 38 18.14 7.99 -9.91
C PHE A 38 17.97 6.53 -9.47
N PHE A 39 16.84 6.20 -8.83
CA PHE A 39 16.69 4.85 -8.36
C PHE A 39 15.83 4.02 -9.32
N LEU A 40 16.46 3.02 -9.94
CA LEU A 40 15.73 2.09 -10.81
C LEU A 40 15.52 0.76 -10.07
N VAL A 41 14.29 0.39 -9.85
CA VAL A 41 13.99 -0.80 -9.14
C VAL A 41 13.63 -1.85 -10.16
N ILE A 42 14.42 -2.93 -10.21
CA ILE A 42 14.16 -3.97 -11.20
C ILE A 42 13.27 -4.99 -10.53
N GLY A 43 12.03 -5.05 -10.95
CA GLY A 43 11.10 -5.85 -10.21
C GLY A 43 9.87 -6.11 -11.00
N THR A 44 8.80 -6.41 -10.31
CA THR A 44 7.52 -6.64 -10.96
C THR A 44 6.44 -5.57 -10.62
N LYS A 45 5.23 -5.77 -11.09
CA LYS A 45 4.08 -4.97 -10.69
C LYS A 45 3.77 -5.09 -9.18
N THR A 46 4.11 -6.22 -8.59
CA THR A 46 3.98 -6.34 -7.16
C THR A 46 4.82 -5.22 -6.47
N CYS A 47 6.07 -5.09 -6.86
CA CYS A 47 6.88 -4.07 -6.28
C CYS A 47 6.35 -2.66 -6.64
N GLY A 48 5.86 -2.49 -7.87
CA GLY A 48 5.47 -1.22 -8.28
C GLY A 48 4.28 -0.79 -7.48
N TYR A 49 3.42 -1.74 -7.14
CA TYR A 49 2.20 -1.41 -6.51
C TYR A 49 2.46 -0.94 -5.10
N PHE A 50 3.45 -1.56 -4.48
CA PHE A 50 3.87 -1.22 -3.14
C PHE A 50 4.36 0.17 -3.14
N LEU A 51 5.33 0.48 -3.98
CA LEU A 51 5.89 1.83 -3.94
C LEU A 51 4.92 2.95 -4.32
N GLN A 52 4.07 2.69 -5.30
CA GLN A 52 3.14 3.67 -5.75
C GLN A 52 2.23 4.02 -4.55
N ASN A 53 1.87 3.02 -3.76
CA ASN A 53 0.99 3.24 -2.63
C ASN A 53 1.72 3.72 -1.36
N ALA A 54 2.83 3.06 -1.03
CA ALA A 54 3.57 3.51 0.12
C ALA A 54 4.10 4.93 0.05
N MET A 55 4.58 5.39 -1.09
CA MET A 55 5.12 6.74 -1.10
C MET A 55 4.08 7.89 -1.23
N GLY A 56 2.79 7.52 -1.05
CA GLY A 56 1.67 8.44 -1.12
C GLY A 56 1.89 9.58 -2.07
N VAL A 57 1.84 10.81 -1.55
CA VAL A 57 1.84 12.02 -2.37
C VAL A 57 3.09 12.26 -3.18
N MET A 58 4.19 11.67 -2.75
CA MET A 58 5.45 11.86 -3.44
C MET A 58 5.41 11.21 -4.83
N ILE A 59 4.49 10.28 -5.04
CA ILE A 59 4.40 9.63 -6.36
C ILE A 59 3.89 10.62 -7.41
N PHE A 60 3.32 11.74 -6.96
CA PHE A 60 2.89 12.76 -7.90
C PHE A 60 3.88 13.88 -7.99
N ALA A 61 5.09 13.72 -7.40
CA ALA A 61 6.09 14.81 -7.53
C ALA A 61 7.22 14.53 -8.56
N GLU A 62 6.92 13.78 -9.63
CA GLU A 62 7.93 13.35 -10.62
C GLU A 62 9.20 12.86 -9.90
N PRO A 63 9.05 11.78 -9.15
CA PRO A 63 10.17 11.26 -8.43
C PRO A 63 11.30 10.80 -9.36
N ARG A 64 12.52 10.81 -8.83
CA ARG A 64 13.63 10.24 -9.53
C ARG A 64 13.73 8.72 -9.21
N TYR A 65 12.68 8.00 -9.57
CA TYR A 65 12.56 6.60 -9.28
C TYR A 65 11.66 6.01 -10.37
N ALA A 66 12.00 4.80 -10.83
CA ALA A 66 11.03 4.06 -11.66
C ALA A 66 11.25 2.55 -11.51
N MET A 67 10.22 1.75 -11.79
CA MET A 67 10.36 0.29 -11.86
C MET A 67 10.91 0.00 -13.24
N ALA A 68 11.83 -0.99 -13.32
CA ALA A 68 12.13 -1.65 -14.56
C ALA A 68 11.26 -2.89 -14.44
N GLU A 69 10.07 -2.83 -14.99
CA GLU A 69 9.08 -3.91 -14.85
C GLU A 69 9.31 -5.09 -15.86
N LEU A 70 9.56 -6.28 -15.31
CA LEU A 70 9.99 -7.40 -16.09
C LEU A 70 8.84 -8.10 -16.75
N GLU A 71 8.98 -8.42 -18.03
CA GLU A 71 7.95 -9.25 -18.71
C GLU A 71 8.28 -10.74 -18.60
N GLU A 72 7.30 -11.56 -18.99
CA GLU A 72 7.40 -13.00 -19.11
C GLU A 72 8.61 -13.37 -19.94
N GLY A 73 8.91 -12.55 -20.96
CA GLY A 73 10.13 -12.71 -21.80
C GLY A 73 11.45 -12.51 -21.08
N ASP A 74 11.40 -11.71 -20.02
CA ASP A 74 12.57 -11.50 -19.14
C ASP A 74 12.82 -12.68 -18.19
N ILE A 75 11.73 -13.31 -17.75
CA ILE A 75 11.81 -14.43 -16.81
C ILE A 75 12.35 -15.64 -17.50
N SER A 76 11.97 -15.85 -18.76
CA SER A 76 12.47 -16.99 -19.53
C SER A 76 13.73 -16.69 -20.32
N ALA A 77 14.30 -15.48 -20.17
CA ALA A 77 15.51 -15.11 -20.97
C ALA A 77 15.27 -15.12 -22.52
N GLN A 78 14.00 -15.08 -22.94
CA GLN A 78 13.68 -14.84 -24.33
C GLN A 78 14.14 -13.41 -24.73
N LEU A 79 14.21 -12.52 -23.74
CA LEU A 79 14.73 -11.15 -23.91
C LEU A 79 16.04 -11.11 -23.21
N ASN A 80 17.03 -10.47 -23.83
CA ASN A 80 18.36 -10.33 -23.21
C ASN A 80 18.41 -9.25 -22.12
N ASP A 81 18.63 -9.69 -20.87
CA ASP A 81 18.68 -8.74 -19.71
C ASP A 81 19.63 -7.55 -19.86
N TYR A 82 20.83 -7.76 -20.39
CA TYR A 82 21.77 -6.66 -20.52
C TYR A 82 21.27 -5.64 -21.53
N GLU A 83 20.72 -6.13 -22.63
CA GLU A 83 20.19 -5.25 -23.65
C GLU A 83 18.98 -4.47 -23.17
N GLU A 84 18.16 -5.09 -22.33
CA GLU A 84 16.97 -4.46 -21.78
C GLU A 84 17.37 -3.31 -20.87
N LEU A 85 18.26 -3.59 -19.94
CA LEU A 85 18.79 -2.56 -19.03
C LEU A 85 19.44 -1.42 -19.76
N LYS A 86 20.17 -1.70 -20.83
CA LYS A 86 20.79 -0.63 -21.64
C LYS A 86 19.77 0.39 -22.25
N ARG A 87 18.75 -0.13 -22.91
CA ARG A 87 17.77 0.69 -23.61
C ARG A 87 17.13 1.66 -22.65
N LEU A 88 16.79 1.18 -21.45
CA LEU A 88 16.11 2.05 -20.51
C LEU A 88 16.99 2.84 -19.53
N CYS A 89 18.17 2.35 -19.23
CA CYS A 89 19.09 3.19 -18.51
C CYS A 89 19.46 4.33 -19.42
N LEU A 90 19.38 4.14 -20.75
CA LEU A 90 19.66 5.24 -21.68
C LEU A 90 18.54 6.28 -21.65
N GLU A 91 17.29 5.81 -21.64
CA GLU A 91 16.13 6.71 -21.49
C GLU A 91 16.34 7.59 -20.26
N ILE A 92 16.63 6.97 -19.12
CA ILE A 92 16.95 7.73 -17.91
C ILE A 92 18.01 8.79 -18.14
N LYS A 93 19.15 8.43 -18.75
CA LYS A 93 20.20 9.45 -18.95
C LYS A 93 19.71 10.61 -19.81
N ARG A 94 18.85 10.30 -20.79
CA ARG A 94 18.33 11.35 -21.68
C ARG A 94 17.52 12.35 -20.90
N ASP A 95 16.53 11.85 -20.17
CA ASP A 95 15.50 12.71 -19.55
C ASP A 95 15.80 13.25 -18.17
N ARG A 96 16.83 12.72 -17.52
CA ARG A 96 17.16 13.22 -16.18
CA ARG A 96 17.16 13.18 -16.17
C ARG A 96 18.62 13.59 -15.97
N ASN A 97 19.52 13.06 -16.79
CA ASN A 97 20.94 13.40 -16.68
C ASN A 97 21.45 13.30 -15.21
N PRO A 98 21.14 12.16 -14.56
CA PRO A 98 21.55 11.82 -13.20
C PRO A 98 23.03 11.62 -13.09
N SER A 99 23.56 11.76 -11.88
CA SER A 99 24.98 11.47 -11.62
C SER A 99 25.23 10.06 -11.08
N VAL A 100 24.18 9.35 -10.69
CA VAL A 100 24.31 7.92 -10.41
C VAL A 100 22.98 7.25 -10.61
N ILE A 101 22.99 6.06 -11.18
CA ILE A 101 21.80 5.26 -11.23
C ILE A 101 21.99 4.14 -10.23
N VAL A 102 21.00 3.95 -9.37
CA VAL A 102 21.07 2.89 -8.37
C VAL A 102 20.10 1.80 -8.78
N TRP A 103 20.62 0.57 -8.88
CA TRP A 103 19.76 -0.56 -9.18
C TRP A 103 19.37 -1.18 -7.93
N ILE A 104 18.08 -1.36 -7.73
CA ILE A 104 17.59 -2.08 -6.59
CA ILE A 104 17.61 -2.09 -6.58
C ILE A 104 17.24 -3.49 -7.03
N GLY A 105 18.05 -4.45 -6.59
CA GLY A 105 17.78 -5.84 -6.85
C GLY A 105 16.56 -6.21 -6.07
N THR A 106 15.79 -7.15 -6.57
CA THR A 106 14.47 -7.46 -6.07
C THR A 106 14.32 -8.98 -5.89
N CYS A 107 13.27 -9.45 -5.22
CA CYS A 107 13.07 -10.90 -5.07
C CYS A 107 13.18 -11.62 -6.43
N THR A 108 12.53 -11.08 -7.47
CA THR A 108 12.48 -11.71 -8.75
C THR A 108 13.84 -11.84 -9.33
N THR A 109 14.65 -10.77 -9.20
CA THR A 109 15.96 -10.80 -9.76
C THR A 109 16.77 -11.84 -9.06
N GLU A 110 16.57 -12.02 -7.76
CA GLU A 110 17.30 -13.13 -7.03
C GLU A 110 16.96 -14.50 -7.53
N ILE A 111 15.68 -14.85 -7.48
CA ILE A 111 15.18 -16.16 -7.87
C ILE A 111 15.57 -16.56 -9.30
N ILE A 112 15.51 -15.61 -10.25
CA ILE A 112 15.98 -15.89 -11.62
C ILE A 112 17.47 -15.62 -11.84
N LYS A 113 18.21 -15.30 -10.76
CA LYS A 113 19.68 -15.10 -10.80
C LYS A 113 20.11 -14.18 -11.89
N MET A 114 19.91 -12.88 -11.71
CA MET A 114 20.27 -11.88 -12.71
C MET A 114 21.55 -11.19 -12.18
N ASP A 115 22.65 -11.30 -12.92
CA ASP A 115 23.92 -10.81 -12.43
CA ASP A 115 23.92 -10.79 -12.43
C ASP A 115 24.03 -9.29 -12.49
N LEU A 116 23.29 -8.61 -11.62
CA LEU A 116 23.31 -7.15 -11.62
C LEU A 116 24.71 -6.67 -11.27
N GLU A 117 25.31 -7.32 -10.30
CA GLU A 117 26.62 -6.87 -9.82
C GLU A 117 27.63 -7.01 -10.94
N GLY A 118 27.34 -7.92 -11.87
CA GLY A 118 28.25 -8.19 -12.98
C GLY A 118 27.97 -7.29 -14.17
N LEU A 119 26.68 -7.01 -14.40
CA LEU A 119 26.25 -6.27 -15.59
C LEU A 119 26.52 -4.81 -15.42
N ALA A 120 26.46 -4.36 -14.18
CA ALA A 120 26.68 -2.95 -13.83
C ALA A 120 28.03 -2.36 -14.25
N PRO A 121 29.12 -3.00 -13.88
CA PRO A 121 30.38 -2.37 -14.26
C PRO A 121 30.53 -2.29 -15.81
N LYS A 122 30.06 -3.31 -16.52
CA LYS A 122 30.04 -3.27 -17.99
C LYS A 122 29.17 -2.09 -18.53
N LEU A 123 27.88 -2.08 -18.18
CA LEU A 123 26.94 -1.03 -18.63
C LEU A 123 27.38 0.39 -18.27
N GLU A 124 27.95 0.56 -17.08
CA GLU A 124 28.53 1.81 -16.63
C GLU A 124 29.49 2.36 -17.65
N ALA A 125 30.46 1.53 -18.06
CA ALA A 125 31.51 1.94 -19.02
C ALA A 125 30.97 2.44 -20.39
N GLU A 126 29.98 1.71 -20.90
CA GLU A 126 29.37 1.96 -22.19
C GLU A 126 28.57 3.26 -22.23
N ILE A 127 28.07 3.67 -21.06
CA ILE A 127 27.05 4.70 -20.92
C ILE A 127 27.52 6.01 -20.25
N GLY A 128 28.62 5.94 -19.53
CA GLY A 128 29.21 7.12 -18.91
C GLY A 128 28.77 7.38 -17.46
N ILE A 129 27.71 6.69 -17.00
CA ILE A 129 27.16 6.92 -15.65
C ILE A 129 27.43 5.80 -14.63
N PRO A 130 27.91 6.17 -13.40
CA PRO A 130 28.03 5.18 -12.30
C PRO A 130 26.74 4.37 -12.03
N ILE A 131 26.87 3.07 -11.89
CA ILE A 131 25.73 2.25 -11.53
C ILE A 131 26.03 1.51 -10.24
N VAL A 132 25.16 1.69 -9.27
CA VAL A 132 25.34 1.14 -7.97
C VAL A 132 24.29 0.10 -7.74
N VAL A 133 24.70 -1.09 -7.35
CA VAL A 133 23.75 -2.18 -7.14
C VAL A 133 23.49 -2.35 -5.67
N ALA A 134 22.23 -2.47 -5.29
CA ALA A 134 21.88 -2.71 -3.92
C ALA A 134 20.87 -3.78 -3.98
N ARG A 135 21.21 -4.93 -3.42
CA ARG A 135 20.25 -6.03 -3.48
C ARG A 135 19.30 -5.96 -2.30
N ALA A 136 18.30 -5.09 -2.41
CA ALA A 136 17.42 -4.80 -1.30
C ALA A 136 16.06 -5.43 -1.50
N ASN A 137 15.90 -6.68 -1.07
CA ASN A 137 14.69 -7.42 -1.34
C ASN A 137 13.98 -7.96 -0.09
N GLY A 138 12.67 -8.25 -0.22
CA GLY A 138 11.87 -8.92 0.86
C GLY A 138 12.33 -10.31 1.21
N LEU A 139 13.11 -10.95 0.33
CA LEU A 139 13.70 -12.27 0.67
C LEU A 139 14.65 -12.16 1.85
N ASP A 140 15.35 -11.03 1.96
CA ASP A 140 16.49 -10.94 2.87
C ASP A 140 16.44 -9.89 4.01
N TYR A 141 15.60 -8.88 3.87
CA TYR A 141 15.71 -7.64 4.66
C TYR A 141 14.37 -6.93 4.97
N ALA A 142 14.38 -6.13 6.03
CA ALA A 142 13.19 -5.38 6.39
C ALA A 142 13.40 -3.86 6.31
N PHE A 143 12.39 -3.21 5.75
CA PHE A 143 12.20 -1.79 5.75
C PHE A 143 13.50 -0.93 5.73
N THR A 144 13.86 -0.36 6.85
CA THR A 144 15.01 0.53 6.86
C THR A 144 16.32 -0.25 6.55
N GLN A 145 16.29 -1.58 6.56
CA GLN A 145 17.49 -2.29 6.12
C GLN A 145 17.83 -2.03 4.63
N GLY A 146 16.81 -1.67 3.85
CA GLY A 146 17.01 -1.18 2.50
C GLY A 146 18.11 -0.14 2.37
N GLU A 147 18.15 0.83 3.28
CA GLU A 147 19.11 1.93 3.23
C GLU A 147 20.44 1.42 3.56
N ASP A 148 20.48 0.40 4.39
CA ASP A 148 21.76 -0.17 4.80
C ASP A 148 22.40 -0.82 3.57
N THR A 149 21.59 -1.49 2.74
CA THR A 149 22.14 -2.17 1.55
C THR A 149 22.49 -1.18 0.47
N VAL A 150 21.77 -0.07 0.39
CA VAL A 150 22.21 1.00 -0.52
C VAL A 150 23.50 1.67 -0.03
N LEU A 151 23.54 2.08 1.22
CA LEU A 151 24.73 2.75 1.75
C LEU A 151 25.96 1.82 1.78
N ALA A 152 25.78 0.52 1.97
CA ALA A 152 26.97 -0.36 1.93
C ALA A 152 27.57 -0.28 0.55
N ALA A 153 26.69 -0.33 -0.45
CA ALA A 153 27.11 -0.31 -1.83
C ALA A 153 27.76 1.01 -2.15
N MET A 154 27.19 2.11 -1.66
CA MET A 154 27.78 3.45 -1.82
CA MET A 154 27.80 3.44 -1.82
C MET A 154 29.17 3.52 -1.21
N ALA A 155 29.33 3.00 0.00
CA ALA A 155 30.65 3.02 0.65
C ALA A 155 31.80 2.62 -0.29
N ALA A 156 31.55 1.69 -1.21
CA ALA A 156 32.59 1.26 -2.15
C ALA A 156 32.95 2.36 -3.15
N ARG A 157 32.02 3.29 -3.37
CA ARG A 157 32.23 4.36 -4.34
CA ARG A 157 32.23 4.37 -4.33
C ARG A 157 32.90 5.59 -3.75
N CYS A 158 33.01 5.64 -2.42
CA CYS A 158 33.61 6.82 -1.78
C CYS A 158 35.05 7.01 -2.17
N PRO A 159 35.40 8.25 -2.58
CA PRO A 159 36.77 8.56 -2.99
C PRO A 159 37.74 8.32 -1.87
N THR A 160 38.99 8.18 -2.24
CA THR A 160 40.03 7.91 -1.31
C THR A 160 40.89 9.15 -1.18
N SER A 161 41.68 9.24 -0.10
CA SER A 161 42.50 10.42 0.16
C SER A 161 43.18 10.89 -1.13
N THR A 162 43.61 9.92 -1.94
CA THR A 162 44.08 10.10 -3.35
C THR A 162 45.53 9.59 -3.53
N GLN A 192 37.14 26.04 14.88
CA GLN A 192 38.31 25.49 15.55
C GLN A 192 38.00 24.13 16.17
N TYR A 193 38.90 23.18 15.96
CA TYR A 193 38.74 21.81 16.42
C TYR A 193 39.98 21.28 17.16
N HIS A 194 39.86 20.09 17.75
CA HIS A 194 40.99 19.42 18.40
C HIS A 194 41.75 18.53 17.37
N PRO A 195 42.94 17.97 17.74
CA PRO A 195 43.70 17.22 16.71
C PRO A 195 42.95 16.09 15.99
N HIS A 196 42.24 15.24 16.75
CA HIS A 196 41.56 13.99 16.25
C HIS A 196 41.62 13.60 14.73
N PRO A 197 41.73 12.27 14.45
CA PRO A 197 41.79 11.84 13.07
C PRO A 197 40.41 11.97 12.38
N PRO A 198 40.40 11.97 11.05
CA PRO A 198 39.14 12.19 10.34
C PRO A 198 37.96 11.29 10.79
N LEU A 199 36.85 11.91 11.15
CA LEU A 199 35.65 11.19 11.48
C LEU A 199 34.66 11.35 10.34
N VAL A 200 34.06 10.25 9.91
CA VAL A 200 33.01 10.29 8.87
C VAL A 200 31.76 9.55 9.37
N LEU A 201 30.61 10.21 9.34
CA LEU A 201 29.43 9.64 9.93
C LEU A 201 28.58 9.03 8.83
N PHE A 202 27.78 8.02 9.13
CA PHE A 202 27.05 7.38 8.06
C PHE A 202 25.61 7.23 8.46
N GLY A 203 24.73 7.36 7.49
CA GLY A 203 23.29 7.28 7.73
C GLY A 203 22.65 8.48 7.08
N SER A 204 21.64 8.24 6.26
CA SER A 204 20.89 9.31 5.63
C SER A 204 19.97 9.97 6.65
N LEU A 205 20.08 11.30 6.74
CA LEU A 205 19.23 12.14 7.57
C LEU A 205 18.87 13.39 6.79
N PRO A 206 17.73 14.00 7.13
CA PRO A 206 17.39 15.30 6.58
C PRO A 206 18.49 16.34 6.88
N ASP A 207 18.85 17.12 5.87
CA ASP A 207 19.84 18.21 6.00
C ASP A 207 19.76 19.03 7.31
N PRO A 208 18.55 19.51 7.68
CA PRO A 208 18.45 20.20 8.97
C PRO A 208 19.02 19.38 10.15
N VAL A 209 18.89 18.05 10.12
CA VAL A 209 19.38 17.22 11.22
C VAL A 209 20.88 16.95 11.09
N VAL A 210 21.42 17.03 9.88
CA VAL A 210 22.86 16.94 9.72
C VAL A 210 23.47 18.21 10.31
N THR A 211 23.00 19.36 9.86
CA THR A 211 23.47 20.62 10.36
C THR A 211 23.48 20.64 11.88
N GLN A 212 22.33 20.31 12.49
CA GLN A 212 22.20 20.25 13.94
C GLN A 212 23.20 19.29 14.61
N LEU A 213 23.38 18.09 14.06
CA LEU A 213 24.33 17.12 14.66
C LEU A 213 25.77 17.49 14.44
N THR A 214 26.08 17.98 13.24
CA THR A 214 27.43 18.40 12.92
C THR A 214 27.81 19.54 13.83
N LEU A 215 26.93 20.52 13.96
CA LEU A 215 27.16 21.64 14.84
C LEU A 215 27.04 21.25 16.32
N GLU A 216 26.56 20.03 16.62
CA GLU A 216 26.59 19.56 18.03
C GLU A 216 28.02 19.10 18.41
N LEU A 217 28.66 18.37 17.50
CA LEU A 217 30.07 17.97 17.70
C LEU A 217 31.02 19.16 17.61
N LYS A 218 30.64 20.20 16.87
CA LYS A 218 31.51 21.36 16.68
C LYS A 218 31.70 22.09 17.99
N LYS A 219 30.74 21.93 18.89
CA LYS A 219 30.81 22.54 20.22
C LYS A 219 31.76 21.74 21.12
N GLN A 220 32.13 20.53 20.69
CA GLN A 220 33.03 19.69 21.48
C GLN A 220 34.41 19.69 20.84
N GLY A 221 34.53 20.41 19.73
CA GLY A 221 35.79 20.46 19.01
C GLY A 221 36.04 19.15 18.26
N ILE A 222 35.03 18.70 17.53
CA ILE A 222 35.15 17.50 16.69
C ILE A 222 34.74 17.87 15.26
N LYS A 223 35.61 17.58 14.29
CA LYS A 223 35.31 17.92 12.89
C LYS A 223 34.57 16.77 12.17
N VAL A 224 33.56 17.10 11.39
CA VAL A 224 32.90 16.09 10.59
C VAL A 224 33.42 16.21 9.16
N SER A 225 34.43 15.39 8.85
CA SER A 225 35.11 15.44 7.56
C SER A 225 34.19 15.14 6.40
N GLY A 226 33.09 14.42 6.69
CA GLY A 226 32.09 14.07 5.68
C GLY A 226 30.99 13.16 6.21
N TRP A 227 29.98 12.93 5.38
CA TRP A 227 28.83 12.09 5.76
C TRP A 227 28.48 11.06 4.65
N LEU A 228 28.36 9.78 5.01
CA LEU A 228 28.03 8.76 4.04
C LEU A 228 26.54 8.60 3.98
N PRO A 229 25.94 9.15 2.90
CA PRO A 229 25.33 9.75 1.77
C PRO A 229 25.48 11.24 1.96
N ALA A 230 26.03 11.94 0.97
CA ALA A 230 26.02 13.39 1.02
C ALA A 230 24.80 13.93 0.18
N LYS A 231 24.60 15.25 0.13
CA LYS A 231 23.46 15.83 -0.63
C LYS A 231 23.44 15.41 -2.13
N ARG A 232 24.63 15.27 -2.71
CA ARG A 232 24.79 14.81 -4.09
C ARG A 232 25.78 13.64 -4.15
N TYR A 233 25.52 12.69 -5.05
CA TYR A 233 26.38 11.52 -5.22
C TYR A 233 27.77 12.02 -5.54
N THR A 234 27.83 13.19 -6.15
CA THR A 234 29.11 13.77 -6.52
C THR A 234 29.89 14.33 -5.32
N GLU A 235 29.26 14.34 -4.15
CA GLU A 235 29.86 14.88 -2.93
C GLU A 235 30.25 13.78 -1.89
N LEU A 236 30.13 12.49 -2.26
CA LEU A 236 30.54 11.40 -1.35
C LEU A 236 31.92 11.72 -0.75
N PRO A 237 32.07 11.50 0.57
CA PRO A 237 33.26 11.94 1.30
C PRO A 237 34.44 11.09 0.99
N VAL A 238 35.64 11.60 1.27
CA VAL A 238 36.79 10.75 1.17
C VAL A 238 36.76 9.77 2.36
N ILE A 239 37.22 8.55 2.14
CA ILE A 239 37.36 7.59 3.23
C ILE A 239 38.65 6.79 3.02
N ASP A 240 39.68 7.15 3.77
CA ASP A 240 41.00 6.50 3.65
C ASP A 240 41.19 5.54 4.80
N GLU A 241 42.14 4.62 4.64
CA GLU A 241 42.49 3.65 5.67
C GLU A 241 43.00 4.34 6.97
N GLY A 242 42.26 4.18 8.06
CA GLY A 242 42.62 4.83 9.33
C GLY A 242 41.54 5.76 9.92
N TYR A 243 40.55 6.15 9.10
CA TYR A 243 39.49 7.05 9.53
C TYR A 243 38.61 6.42 10.58
N TYR A 244 37.87 7.26 11.31
CA TYR A 244 36.90 6.77 12.26
C TYR A 244 35.51 6.92 11.66
N VAL A 245 34.61 6.03 12.02
CA VAL A 245 33.22 6.17 11.55
C VAL A 245 32.25 5.92 12.68
N ALA A 246 31.07 6.52 12.58
CA ALA A 246 30.06 6.30 13.58
C ALA A 246 28.67 6.25 12.95
N GLY A 247 27.83 5.37 13.48
CA GLY A 247 26.48 5.19 13.02
C GLY A 247 25.56 6.15 13.73
N VAL A 248 24.57 6.63 12.98
CA VAL A 248 23.66 7.59 13.49
C VAL A 248 22.27 6.90 13.62
N ASN A 249 22.05 5.83 12.84
CA ASN A 249 20.85 4.97 12.93
C ASN A 249 21.18 3.49 13.23
N PRO A 250 20.34 2.84 14.05
CA PRO A 250 20.54 1.47 14.50
C PRO A 250 20.55 0.40 13.40
N PHE A 251 19.91 0.63 12.26
CA PHE A 251 19.88 -0.37 11.20
C PHE A 251 21.04 -0.32 10.18
N LEU A 252 22.12 0.34 10.50
CA LEU A 252 23.18 0.43 9.53
C LEU A 252 24.31 -0.63 9.73
N SER A 253 23.95 -1.89 9.98
CA SER A 253 24.98 -2.92 10.22
C SER A 253 25.92 -3.12 9.03
N ARG A 254 25.33 -3.56 7.92
CA ARG A 254 26.07 -3.89 6.70
CA ARG A 254 26.11 -3.88 6.74
C ARG A 254 27.00 -2.73 6.33
N THR A 255 26.46 -1.50 6.31
CA THR A 255 27.27 -0.31 6.05
C THR A 255 28.44 -0.22 7.03
N ALA A 256 28.19 -0.41 8.31
CA ALA A 256 29.30 -0.43 9.29
C ALA A 256 30.34 -1.57 8.98
N THR A 257 29.84 -2.78 8.73
CA THR A 257 30.72 -3.94 8.46
C THR A 257 31.61 -3.58 7.27
N THR A 258 31.00 -2.98 6.26
CA THR A 258 31.70 -2.62 5.05
C THR A 258 32.79 -1.60 5.33
N LEU A 259 32.48 -0.57 6.11
CA LEU A 259 33.48 0.48 6.40
C LEU A 259 34.69 -0.10 7.08
N ILE A 260 34.46 -1.02 8.03
CA ILE A 260 35.56 -1.67 8.76
C ILE A 260 36.44 -2.57 7.89
N ARG A 261 35.79 -3.49 7.18
CA ARG A 261 36.44 -4.53 6.45
C ARG A 261 36.94 -4.14 5.07
N ARG A 262 36.08 -3.49 4.30
CA ARG A 262 36.50 -3.10 2.97
C ARG A 262 37.17 -1.76 2.95
N ARG A 263 36.78 -0.82 3.81
CA ARG A 263 37.45 0.51 3.78
C ARG A 263 38.62 0.69 4.76
N LYS A 264 38.74 -0.20 5.74
CA LYS A 264 39.79 -0.14 6.82
C LYS A 264 39.63 1.00 7.87
N CYS A 265 38.40 1.18 8.37
CA CYS A 265 38.05 2.25 9.33
C CYS A 265 37.87 1.71 10.76
N GLN A 266 37.96 2.59 11.74
CA GLN A 266 37.68 2.19 13.11
C GLN A 266 36.25 2.56 13.41
N LEU A 267 35.46 1.60 13.88
CA LEU A 267 34.06 1.90 14.24
C LEU A 267 33.92 2.22 15.70
N ILE A 268 33.45 3.45 15.96
CA ILE A 268 33.08 3.87 17.32
C ILE A 268 31.69 3.30 17.51
N THR A 269 31.62 2.29 18.36
CA THR A 269 30.32 1.74 18.70
C THR A 269 29.80 2.65 19.78
N ALA A 270 28.56 3.08 19.63
CA ALA A 270 27.96 4.04 20.54
C ALA A 270 26.46 3.94 20.46
N PRO A 271 25.76 4.42 21.51
CA PRO A 271 24.30 4.43 21.39
C PRO A 271 23.97 5.50 20.38
N PHE A 272 22.80 5.40 19.75
CA PHE A 272 22.38 6.30 18.66
C PHE A 272 21.72 7.58 19.22
N PRO A 273 22.04 8.79 18.65
CA PRO A 273 21.52 10.05 19.22
C PRO A 273 20.04 10.28 18.96
N ILE A 274 19.23 9.41 19.56
CA ILE A 274 17.81 9.48 19.50
C ILE A 274 17.44 9.64 20.95
N GLY A 275 16.77 10.73 21.27
CA GLY A 275 16.52 11.09 22.65
C GLY A 275 17.71 11.90 23.12
N PRO A 276 17.55 12.68 24.23
CA PRO A 276 18.64 13.48 24.78
C PRO A 276 19.64 12.63 25.60
N ASP A 277 19.17 11.51 26.13
CA ASP A 277 20.04 10.54 26.76
C ASP A 277 20.91 9.92 25.64
N GLY A 278 20.27 9.44 24.58
CA GLY A 278 20.96 8.94 23.41
C GLY A 278 21.98 9.93 22.88
N THR A 279 21.56 11.16 22.64
CA THR A 279 22.44 12.17 22.06
C THR A 279 23.69 12.44 22.92
N ARG A 280 23.53 12.51 24.23
CA ARG A 280 24.66 12.80 25.10
C ARG A 280 25.65 11.61 25.16
N THR A 281 25.11 10.40 25.33
CA THR A 281 25.90 9.19 25.30
C THR A 281 26.66 9.04 23.98
N TRP A 282 25.98 9.32 22.88
CA TRP A 282 26.59 9.28 21.55
C TRP A 282 27.80 10.19 21.50
N ILE A 283 27.65 11.42 21.99
CA ILE A 283 28.75 12.39 21.99
C ILE A 283 29.83 11.98 22.96
N GLU A 284 29.44 11.59 24.17
CA GLU A 284 30.40 11.21 25.21
C GLU A 284 31.29 10.12 24.69
N GLN A 285 30.68 9.12 24.05
CA GLN A 285 31.41 8.00 23.45
C GLN A 285 32.31 8.42 22.26
N ILE A 286 31.88 9.37 21.43
CA ILE A 286 32.80 9.84 20.39
C ILE A 286 34.00 10.50 21.04
N CYS A 287 33.74 11.46 21.93
CA CYS A 287 34.82 12.18 22.60
C CYS A 287 35.77 11.19 23.29
N ALA A 288 35.22 10.15 23.90
CA ALA A 288 36.01 9.17 24.67
C ALA A 288 36.97 8.41 23.77
N THR A 289 36.46 7.98 22.61
CA THR A 289 37.30 7.35 21.61
C THR A 289 38.49 8.25 21.28
N PHE A 290 38.22 9.56 21.15
CA PHE A 290 39.29 10.52 20.84
C PHE A 290 40.05 11.09 22.05
N GLY A 291 39.73 10.63 23.25
CA GLY A 291 40.39 11.12 24.46
C GLY A 291 40.03 12.58 24.76
N ILE A 292 38.75 12.90 24.66
CA ILE A 292 38.28 14.24 25.01
C ILE A 292 37.28 14.17 26.16
N GLN A 293 37.44 15.10 27.13
CA GLN A 293 36.44 15.31 28.17
C GLN A 293 35.27 16.11 27.57
N PRO A 294 34.05 15.52 27.55
CA PRO A 294 32.91 16.26 27.02
C PRO A 294 32.58 17.46 27.93
N GLN A 295 32.85 18.66 27.40
CA GLN A 295 32.67 19.91 28.10
C GLN A 295 31.22 20.44 27.95
N GLY A 296 30.61 20.77 29.08
CA GLY A 296 29.30 21.42 29.16
C GLY A 296 28.09 20.79 28.51
N LEU A 297 27.76 19.55 28.87
CA LEU A 297 26.54 18.91 28.32
C LEU A 297 25.61 18.19 29.31
N ALA A 298 26.03 18.05 30.57
CA ALA A 298 25.10 17.61 31.63
C ALA A 298 23.98 18.64 31.68
N GLU A 299 24.38 19.89 31.53
CA GLU A 299 23.42 20.98 31.52
CA GLU A 299 23.48 21.02 31.49
C GLU A 299 22.61 20.96 30.24
N ARG A 300 23.25 20.78 29.09
CA ARG A 300 22.54 20.77 27.84
C ARG A 300 21.45 19.69 27.81
N GLU A 301 21.70 18.57 28.49
CA GLU A 301 20.70 17.53 28.65
C GLU A 301 19.54 17.95 29.55
N ALA A 302 19.84 18.34 30.79
CA ALA A 302 18.79 18.76 31.74
C ALA A 302 17.83 19.80 31.12
N GLU A 303 18.40 20.79 30.44
CA GLU A 303 17.65 21.84 29.77
C GLU A 303 16.65 21.25 28.77
N THR A 304 17.09 20.24 28.00
CA THR A 304 16.22 19.53 27.05
C THR A 304 15.09 18.77 27.77
N TRP A 305 15.44 18.05 28.83
CA TRP A 305 14.47 17.32 29.65
C TRP A 305 13.44 18.22 30.31
N GLN A 306 13.90 19.38 30.76
CA GLN A 306 13.06 20.33 31.46
C GLN A 306 12.00 20.83 30.49
N LYS A 307 12.39 21.08 29.25
CA LYS A 307 11.44 21.60 28.23
C LYS A 307 10.41 20.55 27.80
N LEU A 308 10.46 19.38 28.43
CA LEU A 308 9.58 18.27 28.10
C LEU A 308 8.69 17.88 29.26
N SER A 309 8.66 18.73 30.28
CA SER A 309 7.86 18.49 31.48
C SER A 309 6.46 18.04 31.14
N ASP A 310 5.80 18.77 30.24
CA ASP A 310 4.41 18.48 29.92
C ASP A 310 4.18 17.12 29.21
N TYR A 311 5.07 16.75 28.30
CA TYR A 311 4.99 15.41 27.69
C TYR A 311 5.34 14.27 28.67
N LEU A 312 6.26 14.54 29.57
CA LEU A 312 6.67 13.57 30.60
C LEU A 312 5.54 13.30 31.63
N GLU A 313 4.75 14.32 31.95
CA GLU A 313 3.63 14.11 32.85
C GLU A 313 2.68 13.07 32.21
N LEU A 314 2.36 13.25 30.92
CA LEU A 314 1.52 12.28 30.20
C LEU A 314 2.11 10.87 30.07
N VAL A 315 3.39 10.82 29.73
CA VAL A 315 4.09 9.56 29.47
C VAL A 315 4.39 8.73 30.73
N ARG A 316 4.47 9.38 31.87
CA ARG A 316 4.82 8.72 33.13
C ARG A 316 3.88 7.61 33.62
N GLY A 317 4.42 6.39 33.67
CA GLY A 317 3.71 5.26 34.25
C GLY A 317 2.95 4.41 33.26
N LYS A 318 2.75 4.94 32.07
CA LYS A 318 2.01 4.22 31.06
C LYS A 318 2.85 3.11 30.39
N SER A 319 2.18 2.07 29.92
CA SER A 319 2.86 0.97 29.25
C SER A 319 2.88 1.11 27.70
N VAL A 320 3.95 0.56 27.10
CA VAL A 320 4.16 0.55 25.66
C VAL A 320 4.47 -0.85 25.16
N PHE A 321 4.06 -1.15 23.93
CA PHE A 321 4.33 -2.44 23.33
C PHE A 321 4.84 -2.17 21.92
N PHE A 322 6.11 -2.51 21.65
CA PHE A 322 6.67 -2.32 20.31
C PHE A 322 6.46 -3.62 19.57
N MET A 323 5.53 -3.63 18.60
CA MET A 323 5.46 -4.81 17.72
C MET A 323 6.65 -4.50 16.83
N GLY A 324 7.58 -5.35 16.59
CA GLY A 324 8.69 -4.75 15.81
C GLY A 324 8.45 -4.39 14.33
N ASP A 325 9.11 -3.36 13.78
CA ASP A 325 9.09 -3.16 12.27
C ASP A 325 10.11 -2.26 11.57
N ASN A 326 10.91 -1.51 12.32
CA ASN A 326 11.86 -0.64 11.65
C ASN A 326 13.25 -0.54 12.25
N LEU A 327 13.54 -1.32 13.26
CA LEU A 327 14.91 -1.39 13.87
C LEU A 327 15.32 -0.19 14.73
N LEU A 328 14.40 0.73 14.97
CA LEU A 328 14.66 1.88 15.83
C LEU A 328 14.32 1.50 17.26
N GLU A 329 13.73 0.33 17.39
CA GLU A 329 12.97 -0.05 18.55
C GLU A 329 13.78 -0.19 19.81
N ILE A 330 15.05 -0.61 19.69
CA ILE A 330 15.89 -0.78 20.87
C ILE A 330 16.15 0.58 21.43
N SER A 331 16.45 1.52 20.56
CA SER A 331 16.78 2.82 21.04
C SER A 331 15.56 3.72 21.43
N LEU A 332 14.37 3.43 20.89
CA LEU A 332 13.17 4.19 21.28
C LEU A 332 12.74 3.68 22.63
N ALA A 333 12.73 2.35 22.79
CA ALA A 333 12.41 1.72 24.06
C ALA A 333 13.28 2.27 25.16
N ARG A 334 14.57 2.35 24.90
CA ARG A 334 15.53 2.83 25.87
C ARG A 334 15.23 4.27 26.28
N PHE A 335 14.93 5.11 25.29
CA PHE A 335 14.47 6.51 25.53
C PHE A 335 13.22 6.59 26.35
N LEU A 336 12.20 5.84 25.97
CA LEU A 336 10.89 5.83 26.65
C LEU A 336 10.92 5.29 28.09
N ILE A 337 11.94 4.53 28.44
CA ILE A 337 12.10 3.99 29.82
C ILE A 337 12.66 5.05 30.74
N ARG A 338 13.62 5.83 30.21
CA ARG A 338 14.16 7.02 30.86
C ARG A 338 13.06 8.08 31.01
N CYS A 339 12.04 8.06 30.13
CA CYS A 339 10.93 9.02 30.18
C CYS A 339 9.90 8.62 31.20
N GLY A 340 10.07 7.42 31.74
CA GLY A 340 9.23 6.94 32.80
C GLY A 340 8.22 5.91 32.39
N MET A 341 8.27 5.43 31.15
CA MET A 341 7.29 4.41 30.72
C MET A 341 7.70 2.98 31.09
N ARG A 342 6.70 2.10 31.18
CA ARG A 342 6.94 0.65 31.23
C ARG A 342 6.88 0.03 29.82
N VAL A 343 7.99 -0.52 29.35
CA VAL A 343 8.00 -1.20 28.09
C VAL A 343 7.68 -2.66 28.33
N LEU A 344 6.64 -3.17 27.73
CA LEU A 344 6.23 -4.56 27.93
C LEU A 344 6.85 -5.56 26.92
N GLU A 345 7.21 -5.10 25.71
CA GLU A 345 7.83 -5.96 24.70
C GLU A 345 8.57 -5.13 23.71
N ILE A 346 9.82 -5.53 23.39
CA ILE A 346 10.51 -4.86 22.28
C ILE A 346 10.64 -5.83 21.10
N GLY A 347 9.73 -5.66 20.14
CA GLY A 347 9.71 -6.45 18.91
C GLY A 347 10.70 -5.84 17.97
N ILE A 348 11.44 -6.70 17.27
CA ILE A 348 12.43 -6.20 16.30
C ILE A 348 12.61 -7.14 15.08
N PRO A 349 12.75 -6.56 13.86
CA PRO A 349 12.92 -7.37 12.69
C PRO A 349 14.19 -8.19 12.80
N TYR A 350 15.27 -7.51 13.15
CA TYR A 350 16.60 -8.06 13.11
C TYR A 350 17.45 -7.40 14.17
N MET A 351 18.25 -8.19 14.90
CA MET A 351 19.11 -7.61 15.90
CA MET A 351 19.09 -7.68 15.99
C MET A 351 20.57 -7.94 15.79
N ASP A 352 21.32 -6.88 15.54
CA ASP A 352 22.75 -6.96 15.46
C ASP A 352 23.25 -6.54 16.82
N LYS A 353 23.65 -7.53 17.62
CA LYS A 353 24.16 -7.28 18.98
C LYS A 353 25.53 -6.63 18.95
N ARG A 354 26.27 -6.88 17.88
CA ARG A 354 27.58 -6.27 17.71
C ARG A 354 27.40 -4.79 17.40
N TYR A 355 26.55 -4.49 16.43
CA TYR A 355 26.42 -3.11 16.00
C TYR A 355 25.69 -2.28 17.04
N GLN A 356 24.62 -2.83 17.62
CA GLN A 356 23.90 -2.06 18.60
C GLN A 356 24.63 -2.00 19.94
N ALA A 357 25.46 -3.00 20.22
CA ALA A 357 26.17 -3.20 21.51
C ALA A 357 26.00 -2.10 22.53
N ALA A 358 26.50 -0.90 22.22
CA ALA A 358 26.43 0.22 23.16
C ALA A 358 25.00 0.64 23.44
N GLU A 359 24.20 0.80 22.40
CA GLU A 359 22.79 1.05 22.60
C GLU A 359 22.14 -0.04 23.52
N LEU A 360 22.48 -1.33 23.32
CA LEU A 360 21.96 -2.39 24.22
C LEU A 360 22.50 -2.25 25.64
N ALA A 361 23.73 -1.77 25.76
CA ALA A 361 24.28 -1.57 27.11
C ALA A 361 23.57 -0.41 27.80
N LEU A 362 23.17 0.59 27.03
CA LEU A 362 22.54 1.75 27.63
C LEU A 362 21.12 1.42 28.07
N LEU A 363 20.43 0.60 27.27
CA LEU A 363 19.10 0.10 27.64
C LEU A 363 19.15 -0.61 29.00
N SER A 364 19.95 -1.68 29.12
CA SER A 364 20.01 -2.45 30.37
C SER A 364 20.33 -1.57 31.61
N GLN A 365 21.31 -0.67 31.44
CA GLN A 365 21.68 0.28 32.49
C GLN A 365 20.53 1.21 32.83
N THR A 366 19.81 1.66 31.79
CA THR A 366 18.63 2.48 31.96
C THR A 366 17.58 1.68 32.72
N CYS A 367 17.40 0.41 32.40
CA CYS A 367 16.44 -0.39 33.16
C CYS A 367 16.80 -0.45 34.64
N ALA A 368 18.10 -0.53 34.96
CA ALA A 368 18.58 -0.55 36.37
C ALA A 368 18.37 0.80 37.11
N GLU A 369 18.66 1.92 36.44
CA GLU A 369 18.57 3.24 37.05
C GLU A 369 17.15 3.69 37.33
N MET A 370 16.20 3.14 36.57
CA MET A 370 14.79 3.50 36.73
C MET A 370 14.04 2.37 37.43
N GLY A 371 14.77 1.35 37.87
CA GLY A 371 14.14 0.20 38.51
C GLY A 371 13.00 -0.33 37.69
N HIS A 372 13.32 -0.72 36.44
CA HIS A 372 12.39 -1.25 35.43
C HIS A 372 12.89 -2.66 35.13
N PRO A 373 12.01 -3.67 35.16
CA PRO A 373 12.56 -5.02 34.90
C PRO A 373 12.96 -5.16 33.43
N LEU A 374 14.09 -5.80 33.18
CA LEU A 374 14.63 -5.91 31.82
C LEU A 374 13.62 -6.51 30.87
N PRO A 375 13.33 -5.79 29.80
CA PRO A 375 12.27 -6.21 28.93
C PRO A 375 12.80 -7.32 28.03
N THR A 376 11.94 -8.00 27.30
CA THR A 376 12.49 -9.02 26.41
C THR A 376 12.42 -8.49 24.99
N ILE A 377 13.45 -8.82 24.22
CA ILE A 377 13.57 -8.37 22.86
C ILE A 377 13.16 -9.50 21.95
N VAL A 378 12.10 -9.30 21.20
CA VAL A 378 11.64 -10.36 20.33
C VAL A 378 12.05 -10.09 18.89
N GLU A 379 13.03 -10.85 18.42
CA GLU A 379 13.46 -10.81 17.03
C GLU A 379 12.49 -11.59 16.15
N LYS A 380 12.30 -11.14 14.93
CA LYS A 380 11.50 -11.90 13.98
C LYS A 380 10.18 -12.37 14.62
N PRO A 381 9.36 -11.42 15.11
CA PRO A 381 8.16 -11.73 15.89
C PRO A 381 7.00 -12.26 15.09
N ASP A 382 6.06 -12.86 15.80
CA ASP A 382 4.88 -13.35 15.19
C ASP A 382 3.69 -12.42 15.54
N ASN A 383 3.31 -11.59 14.57
CA ASN A 383 2.27 -10.59 14.77
C ASN A 383 1.04 -11.20 15.31
N TYR A 384 0.69 -12.39 14.82
CA TYR A 384 -0.50 -13.07 15.31
C TYR A 384 -0.40 -13.26 16.79
N ASN A 385 0.69 -13.93 17.25
CA ASN A 385 0.97 -14.21 18.67
C ASN A 385 1.01 -12.92 19.44
N GLN A 386 1.77 -11.96 18.92
CA GLN A 386 1.85 -10.62 19.51
C GLN A 386 0.45 -10.00 19.82
N LEU A 387 -0.51 -10.16 18.90
CA LEU A 387 -1.90 -9.66 19.12
C LEU A 387 -2.58 -10.38 20.30
N GLN A 388 -2.19 -11.66 20.54
CA GLN A 388 -2.69 -12.38 21.70
C GLN A 388 -2.05 -11.78 22.94
N ARG A 389 -0.76 -11.45 22.88
CA ARG A 389 -0.09 -10.89 24.04
C ARG A 389 -0.60 -9.51 24.39
N ILE A 390 -0.84 -8.70 23.35
CA ILE A 390 -1.39 -7.39 23.52
C ILE A 390 -2.78 -7.52 24.18
N LYS A 391 -3.53 -8.53 23.78
CA LYS A 391 -4.89 -8.73 24.26
C LYS A 391 -4.81 -9.04 25.72
N ALA A 392 -3.88 -9.91 26.08
CA ALA A 392 -3.66 -10.28 27.47
C ALA A 392 -3.18 -9.06 28.31
N LEU A 393 -2.20 -8.31 27.80
CA LEU A 393 -1.58 -7.22 28.57
C LEU A 393 -2.34 -5.87 28.61
N GLN A 394 -3.21 -5.63 27.66
CA GLN A 394 -3.86 -4.30 27.54
C GLN A 394 -2.85 -3.16 27.83
N PRO A 395 -1.84 -2.99 26.95
CA PRO A 395 -0.88 -1.88 27.10
C PRO A 395 -1.56 -0.53 26.82
N ASP A 396 -0.95 0.53 27.33
CA ASP A 396 -1.50 1.85 27.12
C ASP A 396 -1.17 2.36 25.70
N LEU A 397 -0.13 1.79 25.11
CA LEU A 397 0.36 2.24 23.83
C LEU A 397 0.96 1.08 23.07
N VAL A 398 0.41 0.78 21.89
CA VAL A 398 1.02 -0.24 21.05
C VAL A 398 1.68 0.51 19.97
N ILE A 399 2.97 0.30 19.79
CA ILE A 399 3.62 0.90 18.59
C ILE A 399 3.63 -0.09 17.43
N THR A 400 3.10 0.30 16.27
CA THR A 400 2.70 -0.68 15.23
C THR A 400 2.30 -0.15 13.84
N GLY A 401 2.13 -1.07 12.91
CA GLY A 401 1.86 -0.70 11.54
C GLY A 401 0.41 -0.41 11.23
N MET A 402 0.20 0.20 10.09
CA MET A 402 -1.12 0.56 9.68
C MET A 402 -2.01 -0.65 9.43
N ALA A 403 -1.43 -1.83 9.29
CA ALA A 403 -2.24 -3.05 9.16
C ALA A 403 -3.03 -3.34 10.41
N HIS A 404 -2.43 -3.10 11.60
CA HIS A 404 -3.07 -3.44 12.86
C HIS A 404 -3.69 -2.28 13.66
N ALA A 405 -3.31 -1.03 13.34
CA ALA A 405 -3.77 0.17 14.09
C ALA A 405 -5.27 0.34 14.18
N ASN A 406 -5.97 0.49 13.06
CA ASN A 406 -7.40 0.67 13.17
C ASN A 406 -8.08 -0.58 13.84
N PRO A 407 -7.66 -1.81 13.46
CA PRO A 407 -8.29 -2.94 14.20
C PRO A 407 -8.09 -2.91 15.72
N LEU A 408 -6.93 -2.43 16.15
CA LEU A 408 -6.64 -2.24 17.57
C LEU A 408 -7.46 -1.11 18.26
N GLU A 409 -7.40 0.10 17.68
CA GLU A 409 -8.18 1.22 18.16
C GLU A 409 -9.61 0.77 18.36
N ALA A 410 -10.18 0.13 17.34
CA ALA A 410 -11.59 -0.30 17.45
C ALA A 410 -11.81 -1.24 18.62
N ARG A 411 -10.73 -1.90 19.07
CA ARG A 411 -10.76 -2.82 20.21
C ARG A 411 -10.39 -2.08 21.53
N GLY A 412 -10.20 -0.76 21.45
CA GLY A 412 -9.88 0.04 22.63
C GLY A 412 -8.41 0.14 22.98
N ILE A 413 -7.55 -0.53 22.22
CA ILE A 413 -6.13 -0.39 22.46
C ILE A 413 -5.65 0.86 21.71
N SER A 414 -4.97 1.79 22.39
CA SER A 414 -4.38 2.96 21.70
C SER A 414 -3.15 2.56 20.92
N THR A 415 -2.96 3.18 19.77
CA THR A 415 -1.86 2.80 18.90
C THR A 415 -1.12 3.99 18.36
N LYS A 416 0.17 3.84 18.13
CA LYS A 416 0.90 4.84 17.36
C LYS A 416 1.55 4.15 16.14
N TRP A 417 1.19 4.63 14.94
CA TRP A 417 1.81 4.08 13.75
C TRP A 417 3.32 4.32 13.60
N SER A 418 4.01 3.20 13.53
CA SER A 418 5.49 3.12 13.65
C SER A 418 6.29 3.82 12.56
N VAL A 419 5.72 3.97 11.36
CA VAL A 419 6.50 4.46 10.22
C VAL A 419 6.90 5.89 10.38
N GLU A 420 6.00 6.69 10.97
CA GLU A 420 6.26 8.09 11.25
C GLU A 420 7.58 8.30 11.99
N PHE A 421 7.99 7.35 12.78
CA PHE A 421 9.29 7.46 13.43
C PHE A 421 10.47 7.48 12.43
N THR A 422 10.23 7.06 11.17
CA THR A 422 11.34 6.93 10.23
C THR A 422 11.49 8.18 9.43
N PHE A 423 10.47 9.01 9.41
CA PHE A 423 10.60 10.22 8.60
C PHE A 423 10.49 11.56 9.37
N ALA A 424 9.90 11.54 10.57
CA ALA A 424 9.98 12.68 11.49
C ALA A 424 11.45 12.90 11.85
N GLN A 425 11.79 14.10 12.26
CA GLN A 425 13.13 14.41 12.73
C GLN A 425 13.17 13.99 14.18
N ILE A 426 14.05 13.03 14.50
CA ILE A 426 14.11 12.43 15.85
C ILE A 426 15.51 12.37 16.42
N HIS A 427 16.49 12.97 15.74
CA HIS A 427 17.89 12.86 16.19
C HIS A 427 18.36 14.14 16.80
N GLY A 428 19.20 14.03 17.84
CA GLY A 428 19.81 15.18 18.49
C GLY A 428 18.99 15.78 19.65
N PHE A 429 19.54 16.80 20.29
CA PHE A 429 18.79 17.43 21.41
C PHE A 429 17.47 18.06 20.94
N GLY A 430 17.56 18.99 19.99
CA GLY A 430 16.34 19.65 19.44
C GLY A 430 15.21 18.77 18.93
N ASN A 431 15.44 17.47 18.81
CA ASN A 431 14.37 16.64 18.29
C ASN A 431 13.77 15.65 19.27
N ALA A 432 14.23 15.69 20.52
CA ALA A 432 13.62 14.82 21.51
C ALA A 432 12.14 15.19 21.71
N ARG A 433 11.81 16.49 21.61
CA ARG A 433 10.39 16.92 21.65
C ARG A 433 9.54 16.19 20.56
N ASP A 434 10.08 16.17 19.35
CA ASP A 434 9.41 15.57 18.23
C ASP A 434 9.08 14.12 18.55
N ILE A 435 10.02 13.38 19.16
CA ILE A 435 9.74 11.98 19.45
C ILE A 435 8.54 11.89 20.33
N LEU A 436 8.54 12.69 21.41
CA LEU A 436 7.42 12.67 22.35
C LEU A 436 6.05 13.16 21.75
N GLU A 437 6.11 14.18 20.87
CA GLU A 437 4.86 14.63 20.22
C GLU A 437 4.27 13.39 19.61
N LEU A 438 5.14 12.59 18.98
CA LEU A 438 4.72 11.36 18.33
C LEU A 438 4.10 10.36 19.28
N VAL A 439 4.85 9.99 20.31
CA VAL A 439 4.42 8.96 21.30
C VAL A 439 3.19 9.41 22.13
N THR A 440 3.10 10.70 22.45
CA THR A 440 1.93 11.15 23.18
C THR A 440 0.70 11.43 22.30
N ARG A 441 0.86 11.47 21.00
CA ARG A 441 -0.28 11.90 20.19
C ARG A 441 -1.54 11.12 20.53
N PRO A 442 -1.45 9.79 20.59
CA PRO A 442 -2.68 9.07 20.90
C PRO A 442 -3.12 9.28 22.31
N LEU A 443 -2.14 9.64 23.18
CA LEU A 443 -2.45 9.92 24.59
C LEU A 443 -3.26 11.24 24.70
N ARG A 444 -2.86 12.24 23.93
CA ARG A 444 -3.58 13.51 23.86
C ARG A 444 -4.95 13.34 23.24
N ARG A 445 -5.07 12.51 22.22
CA ARG A 445 -6.40 12.35 21.67
C ARG A 445 -7.27 11.65 22.71
N ASN A 446 -6.72 10.71 23.45
CA ASN A 446 -7.48 10.16 24.55
C ASN A 446 -8.07 11.22 25.54
N GLN A 447 -7.24 12.19 25.97
CA GLN A 447 -7.67 13.27 26.87
C GLN A 447 -8.82 14.07 26.23
N ALA A 448 -8.58 14.59 25.03
CA ALA A 448 -9.55 15.41 24.36
C ALA A 448 -10.89 14.72 24.12
N LEU A 449 -10.90 13.40 24.09
CA LEU A 449 -12.14 12.65 23.80
C LEU A 449 -12.68 11.84 24.96
N ALA A 450 -12.25 12.16 26.18
CA ALA A 450 -12.64 11.41 27.37
C ALA A 450 -14.04 11.83 27.78
N GLY A 451 -14.78 10.88 28.40
CA GLY A 451 -16.20 11.11 28.81
C GLY A 451 -17.24 10.93 27.68
N LEU A 452 -16.98 9.94 26.80
CA LEU A 452 -17.79 9.57 25.63
C LEU A 452 -17.55 8.04 25.47
N GLY A 453 -18.42 7.25 26.14
CA GLY A 453 -18.26 5.78 26.35
C GLY A 453 -17.85 4.82 25.22
N TRP A 454 -17.58 5.36 24.04
CA TRP A 454 -17.25 4.48 22.92
C TRP A 454 -15.76 4.47 22.55
N GLN A 455 -15.03 3.60 23.25
CA GLN A 455 -13.62 3.31 22.98
C GLN A 455 -13.51 1.89 22.36
N LYS A 456 -14.29 0.94 22.91
CA LYS A 456 -14.32 -0.46 22.43
C LYS A 456 -15.61 -0.74 21.63
N LEU A 457 -15.54 -0.55 20.31
CA LEU A 457 -16.75 -0.56 19.42
C LEU A 457 -16.73 -1.49 18.16
N VAL A 458 -16.08 -2.68 18.27
CA VAL A 458 -15.87 -3.62 17.12
C VAL A 458 -17.12 -4.16 16.40
N ALA A 459 -16.90 -4.81 15.24
CA ALA A 459 -18.01 -5.33 14.42
C ALA A 459 -18.45 -6.76 14.78
N MET B 4 10.90 -5.81 -20.85
CA MET B 4 11.15 -4.91 -19.72
C MET B 4 10.60 -3.55 -20.05
N LYS B 5 9.73 -3.03 -19.20
CA LYS B 5 9.19 -1.67 -19.41
C LYS B 5 9.50 -0.77 -18.24
N LEU B 6 9.79 0.47 -18.54
CA LEU B 6 10.03 1.48 -17.54
C LEU B 6 8.71 2.13 -17.16
N ALA B 7 8.29 2.01 -15.90
CA ALA B 7 7.09 2.75 -15.45
C ALA B 7 7.14 3.00 -13.97
N TYR B 8 6.36 3.99 -13.50
CA TYR B 8 6.16 4.17 -12.04
C TYR B 8 4.74 4.28 -11.57
N TRP B 9 3.78 4.28 -12.50
CA TRP B 9 2.40 4.36 -12.15
C TRP B 9 1.66 3.25 -12.85
N MET B 10 0.71 2.64 -12.16
CA MET B 10 -0.10 1.64 -12.82
C MET B 10 -1.57 1.81 -12.39
N TYR B 11 -2.47 1.65 -13.32
CA TYR B 11 -3.86 1.79 -13.01
C TYR B 11 -4.49 0.58 -12.37
N ALA B 12 -3.95 -0.60 -12.64
CA ALA B 12 -4.55 -1.83 -12.15
C ALA B 12 -3.45 -2.60 -11.51
N GLY B 13 -3.71 -3.16 -10.35
CA GLY B 13 -2.67 -3.84 -9.61
C GLY B 13 -2.43 -5.27 -10.07
N PRO B 14 -1.35 -5.87 -9.54
CA PRO B 14 -0.99 -7.27 -9.71
C PRO B 14 -2.21 -8.15 -9.52
N ALA B 15 -2.15 -9.36 -10.09
CA ALA B 15 -3.28 -10.27 -10.06
C ALA B 15 -3.70 -10.56 -8.66
N HIS B 16 -2.74 -10.70 -7.75
CA HIS B 16 -3.15 -11.18 -6.42
C HIS B 16 -4.10 -10.21 -5.73
N ILE B 17 -4.04 -8.92 -6.09
CA ILE B 17 -4.93 -7.96 -5.41
C ILE B 17 -6.42 -8.32 -5.59
N GLY B 18 -6.77 -8.83 -6.76
CA GLY B 18 -8.17 -9.17 -7.09
C GLY B 18 -8.66 -10.34 -6.26
N THR B 19 -7.80 -11.33 -6.10
CA THR B 19 -8.17 -12.50 -5.31
C THR B 19 -8.34 -12.11 -3.86
N LEU B 20 -7.48 -11.25 -3.35
CA LEU B 20 -7.59 -10.80 -1.97
C LEU B 20 -8.85 -10.00 -1.75
N ARG B 21 -9.18 -9.16 -2.72
CA ARG B 21 -10.37 -8.36 -2.61
C ARG B 21 -11.56 -9.29 -2.60
N ILE B 22 -11.51 -10.39 -3.36
CA ILE B 22 -12.63 -11.32 -3.31
C ILE B 22 -12.72 -11.99 -1.96
N ALA B 23 -11.57 -12.46 -1.45
CA ALA B 23 -11.52 -13.23 -0.21
C ALA B 23 -11.97 -12.35 0.95
N SER B 24 -11.50 -11.09 0.97
CA SER B 24 -11.86 -10.11 1.99
C SER B 24 -13.30 -9.61 1.98
N SER B 25 -14.06 -9.94 0.94
CA SER B 25 -15.42 -9.43 0.83
C SER B 25 -16.43 -10.41 1.45
N PHE B 26 -16.12 -11.71 1.37
CA PHE B 26 -16.88 -12.73 2.09
C PHE B 26 -16.53 -12.69 3.56
N LYS B 27 -17.39 -13.30 4.37
CA LYS B 27 -17.08 -13.50 5.77
C LYS B 27 -16.35 -14.85 5.94
N ASN B 28 -15.53 -14.95 6.96
CA ASN B 28 -14.88 -16.21 7.28
C ASN B 28 -14.24 -16.84 6.06
N VAL B 29 -13.67 -16.00 5.21
CA VAL B 29 -12.79 -16.47 4.15
C VAL B 29 -11.44 -15.81 4.37
N HIS B 30 -10.44 -16.66 4.50
CA HIS B 30 -9.12 -16.21 4.78
C HIS B 30 -8.19 -16.44 3.57
N GLY B 31 -7.68 -15.37 2.98
CA GLY B 31 -6.67 -15.51 1.95
C GLY B 31 -5.31 -15.76 2.58
N ILE B 32 -4.55 -16.72 2.05
CA ILE B 32 -3.14 -16.81 2.43
C ILE B 32 -2.23 -16.83 1.19
N MET B 33 -1.31 -15.88 1.20
CA MET B 33 -0.47 -15.53 0.09
C MET B 33 0.87 -16.15 0.19
N HIS B 34 1.26 -16.87 -0.85
CA HIS B 34 2.58 -17.50 -0.91
C HIS B 34 3.51 -16.41 -1.38
N ALA B 35 4.24 -15.79 -0.45
CA ALA B 35 4.95 -14.54 -0.84
C ALA B 35 6.06 -14.14 0.11
N PRO B 36 7.05 -13.39 -0.36
CA PRO B 36 8.11 -12.93 0.49
C PRO B 36 7.58 -11.93 1.49
N LEU B 37 8.42 -11.56 2.46
CA LEU B 37 8.08 -10.61 3.51
C LEU B 37 7.91 -9.23 2.94
N GLY B 38 6.72 -8.68 3.06
CA GLY B 38 6.49 -7.35 2.50
C GLY B 38 5.36 -7.24 1.48
N ASP B 39 5.05 -8.35 0.83
CA ASP B 39 3.93 -8.37 -0.12
C ASP B 39 2.55 -8.26 0.59
N ASP B 40 2.56 -8.03 1.91
CA ASP B 40 1.30 -7.98 2.69
C ASP B 40 0.68 -6.53 2.85
N TYR B 41 1.05 -5.63 1.92
CA TYR B 41 0.73 -4.24 1.94
C TYR B 41 -0.73 -4.09 1.63
N PHE B 42 -1.32 -5.15 1.10
CA PHE B 42 -2.72 -5.18 0.89
C PHE B 42 -3.50 -4.84 2.18
N ASN B 43 -2.93 -5.24 3.32
CA ASN B 43 -3.59 -5.06 4.62
C ASN B 43 -3.50 -3.66 5.06
N VAL B 44 -2.33 -3.07 4.89
CA VAL B 44 -2.24 -1.63 5.04
C VAL B 44 -3.34 -0.92 4.19
N MET B 45 -3.45 -1.27 2.92
CA MET B 45 -4.39 -0.55 2.04
CA MET B 45 -4.39 -0.57 2.03
C MET B 45 -5.85 -0.69 2.47
N ARG B 46 -6.29 -1.93 2.69
CA ARG B 46 -7.61 -2.24 3.21
C ARG B 46 -7.96 -1.40 4.46
N SER B 47 -7.18 -1.59 5.52
CA SER B 47 -7.32 -0.84 6.78
C SER B 47 -7.29 0.70 6.64
N MET B 48 -6.40 1.25 5.81
CA MET B 48 -6.36 2.70 5.62
CA MET B 48 -6.34 2.70 5.63
C MET B 48 -7.56 3.21 4.83
N LEU B 49 -7.71 2.75 3.58
CA LEU B 49 -8.77 3.29 2.65
C LEU B 49 -10.17 3.00 3.10
N GLU B 50 -10.39 1.80 3.64
CA GLU B 50 -11.75 1.45 4.07
C GLU B 50 -11.97 1.73 5.56
N ARG B 51 -10.90 2.18 6.25
CA ARG B 51 -10.95 2.46 7.72
C ARG B 51 -11.68 1.29 8.42
N GLU B 52 -11.09 0.11 8.29
CA GLU B 52 -11.68 -1.15 8.72
C GLU B 52 -11.47 -1.33 10.23
N ARG B 53 -12.53 -1.78 10.91
CA ARG B 53 -12.48 -2.01 12.33
C ARG B 53 -11.98 -3.43 12.59
N ASP B 54 -12.08 -4.29 11.59
CA ASP B 54 -11.60 -5.64 11.75
C ASP B 54 -10.24 -5.92 11.03
N PHE B 55 -9.40 -6.77 11.62
CA PHE B 55 -8.14 -7.21 10.96
C PHE B 55 -8.46 -7.75 9.55
N THR B 56 -7.57 -7.51 8.61
CA THR B 56 -7.83 -8.00 7.26
C THR B 56 -7.46 -9.48 7.23
N PRO B 57 -8.40 -10.38 6.85
CA PRO B 57 -8.16 -11.83 6.95
C PRO B 57 -7.25 -12.32 5.84
N VAL B 58 -6.03 -11.82 5.82
CA VAL B 58 -5.08 -12.17 4.82
C VAL B 58 -3.76 -12.24 5.51
N THR B 59 -3.14 -13.42 5.40
CA THR B 59 -1.88 -13.79 6.00
C THR B 59 -0.93 -14.18 4.87
N ALA B 60 0.36 -14.16 5.16
CA ALA B 60 1.40 -14.54 4.24
C ALA B 60 2.10 -15.83 4.69
N SER B 61 2.07 -16.86 3.84
CA SER B 61 2.96 -17.97 4.02
C SER B 61 4.26 -17.48 3.44
N ILE B 62 5.22 -17.22 4.30
CA ILE B 62 6.40 -16.54 3.86
C ILE B 62 7.30 -17.40 2.99
N VAL B 63 7.85 -16.68 2.02
CA VAL B 63 8.89 -17.18 1.14
C VAL B 63 10.17 -16.46 1.51
N ASP B 64 11.06 -17.18 2.14
CA ASP B 64 12.38 -16.70 2.37
C ASP B 64 13.27 -17.66 1.61
N ARG B 65 14.54 -17.32 1.49
CA ARG B 65 15.53 -18.20 0.85
C ARG B 65 15.42 -19.71 1.11
N HIS B 66 15.02 -20.10 2.32
CA HIS B 66 14.96 -21.51 2.68
CA HIS B 66 14.93 -21.51 2.70
C HIS B 66 13.80 -22.15 1.89
N VAL B 67 13.22 -21.34 1.01
CA VAL B 67 12.15 -21.74 0.14
C VAL B 67 12.68 -22.31 -1.19
N LEU B 68 13.46 -21.50 -1.92
CA LEU B 68 14.24 -21.99 -3.07
C LEU B 68 14.72 -23.44 -2.90
N ALA B 69 14.91 -23.87 -1.64
CA ALA B 69 15.34 -25.24 -1.31
C ALA B 69 14.15 -26.12 -0.88
N ARG B 70 13.23 -26.37 -1.83
CA ARG B 70 12.01 -27.14 -1.55
C ARG B 70 11.15 -26.49 -0.45
N GLY B 71 11.50 -25.27 -0.06
CA GLY B 71 10.71 -24.45 0.88
C GLY B 71 9.38 -24.18 0.20
N SER B 72 8.71 -23.10 0.60
CA SER B 72 7.54 -22.62 -0.12
C SER B 72 6.52 -23.71 -0.46
N GLN B 73 6.62 -24.84 0.25
CA GLN B 73 5.76 -25.98 0.00
C GLN B 73 5.57 -26.90 1.20
N GLU B 74 6.05 -26.47 2.36
CA GLU B 74 5.89 -27.21 3.62
C GLU B 74 5.30 -26.27 4.68
N LYS B 75 5.65 -25.00 4.60
CA LYS B 75 5.09 -24.00 5.49
C LYS B 75 3.69 -23.69 4.99
N VAL B 76 3.50 -23.80 3.69
CA VAL B 76 2.22 -23.53 3.09
C VAL B 76 1.15 -24.48 3.67
N VAL B 77 1.50 -25.74 3.85
CA VAL B 77 0.58 -26.70 4.50
C VAL B 77 0.41 -26.35 6.00
N ASP B 78 1.54 -26.07 6.66
CA ASP B 78 1.54 -25.72 8.08
C ASP B 78 0.77 -24.44 8.29
N ASN B 79 0.95 -23.49 7.38
CA ASN B 79 0.34 -22.18 7.61
C ASN B 79 -1.15 -22.24 7.35
N ILE B 80 -1.55 -23.13 6.43
CA ILE B 80 -2.97 -23.34 6.15
C ILE B 80 -3.67 -23.93 7.37
N ILE B 81 -3.04 -24.90 7.99
CA ILE B 81 -3.70 -25.61 9.09
C ILE B 81 -3.71 -24.71 10.31
N ARG B 82 -2.57 -24.11 10.61
CA ARG B 82 -2.53 -23.12 11.69
C ARG B 82 -3.63 -22.03 11.49
N LYS B 83 -3.76 -21.47 10.29
CA LYS B 83 -4.83 -20.49 10.06
C LYS B 83 -6.19 -21.16 10.31
N ASP B 84 -6.31 -22.43 9.89
CA ASP B 84 -7.56 -23.16 10.05
C ASP B 84 -7.97 -23.15 11.51
N THR B 85 -7.04 -23.53 12.37
CA THR B 85 -7.33 -23.73 13.82
C THR B 85 -7.50 -22.42 14.62
N GLU B 86 -6.65 -21.43 14.35
CA GLU B 86 -6.73 -20.11 15.00
C GLU B 86 -7.96 -19.31 14.60
N GLU B 87 -8.29 -19.31 13.33
CA GLU B 87 -9.36 -18.46 12.86
C GLU B 87 -10.62 -19.23 12.43
N HIS B 88 -10.52 -20.55 12.29
CA HIS B 88 -11.66 -21.37 11.89
C HIS B 88 -12.43 -20.77 10.72
N PRO B 89 -11.80 -20.57 9.57
CA PRO B 89 -12.63 -20.03 8.46
C PRO B 89 -13.50 -21.08 7.76
N ASP B 90 -14.54 -20.64 7.06
CA ASP B 90 -15.28 -21.54 6.20
C ASP B 90 -14.44 -21.99 4.99
N LEU B 91 -13.59 -21.08 4.51
CA LEU B 91 -12.83 -21.27 3.29
C LEU B 91 -11.54 -20.53 3.43
N ILE B 92 -10.50 -21.15 2.96
CA ILE B 92 -9.20 -20.57 2.94
C ILE B 92 -8.84 -20.66 1.46
N VAL B 93 -8.15 -19.63 0.98
CA VAL B 93 -7.83 -19.48 -0.43
C VAL B 93 -6.34 -19.22 -0.58
N LEU B 94 -5.63 -20.17 -1.17
CA LEU B 94 -4.19 -20.05 -1.30
C LEU B 94 -3.88 -19.13 -2.47
N THR B 95 -2.92 -18.23 -2.30
CA THR B 95 -2.84 -17.09 -3.20
C THR B 95 -1.49 -16.85 -3.83
N PRO B 96 -1.44 -17.13 -5.12
CA PRO B 96 -0.19 -17.12 -5.88
C PRO B 96 0.15 -15.71 -6.11
N THR B 97 1.44 -15.40 -6.05
CA THR B 97 1.93 -14.07 -6.38
C THR B 97 2.85 -14.10 -7.63
N CYS B 98 3.71 -13.09 -7.77
CA CYS B 98 4.63 -13.04 -8.90
C CYS B 98 5.80 -13.93 -8.62
N THR B 99 6.02 -14.15 -7.35
CA THR B 99 7.08 -15.00 -6.87
C THR B 99 6.61 -16.43 -6.99
N SER B 100 5.42 -16.72 -6.45
CA SER B 100 4.81 -18.04 -6.56
C SER B 100 4.84 -18.51 -8.03
N SER B 101 4.80 -17.55 -8.94
CA SER B 101 4.69 -17.79 -10.37
C SER B 101 5.97 -18.33 -11.03
N ILE B 102 7.13 -17.91 -10.52
CA ILE B 102 8.40 -18.34 -11.09
C ILE B 102 9.17 -19.39 -10.24
N LEU B 103 8.53 -19.99 -9.24
CA LEU B 103 9.13 -21.12 -8.50
C LEU B 103 8.44 -22.40 -8.93
N GLN B 104 7.22 -22.23 -9.46
CA GLN B 104 6.42 -23.29 -10.10
C GLN B 104 6.20 -24.54 -9.31
N GLU B 105 5.86 -24.40 -8.04
CA GLU B 105 5.73 -25.54 -7.14
C GLU B 105 4.30 -26.13 -7.14
N ASP B 106 4.12 -27.38 -6.73
CA ASP B 106 2.79 -28.01 -6.90
C ASP B 106 1.77 -27.44 -5.89
N LEU B 107 1.39 -26.19 -6.06
CA LEU B 107 0.54 -25.56 -5.06
C LEU B 107 -0.75 -26.34 -4.98
N GLN B 108 -1.22 -26.76 -6.16
CA GLN B 108 -2.46 -27.52 -6.28
C GLN B 108 -2.45 -28.74 -5.37
N ASN B 109 -1.25 -29.23 -5.10
CA ASN B 109 -1.05 -30.43 -4.30
C ASN B 109 -1.23 -30.14 -2.82
N PHE B 110 -0.63 -29.02 -2.35
CA PHE B 110 -0.68 -28.67 -0.93
C PHE B 110 -2.12 -28.43 -0.57
N VAL B 111 -2.81 -27.71 -1.41
CA VAL B 111 -4.24 -27.51 -1.24
C VAL B 111 -4.98 -28.83 -1.13
N ARG B 112 -4.65 -29.77 -2.01
CA ARG B 112 -5.21 -31.12 -1.94
C ARG B 112 -4.88 -31.73 -0.57
N ARG B 113 -3.61 -31.61 -0.15
CA ARG B 113 -3.15 -32.15 1.15
C ARG B 113 -3.74 -31.41 2.36
N ALA B 114 -3.50 -30.10 2.40
CA ALA B 114 -3.97 -29.26 3.48
C ALA B 114 -5.45 -29.42 3.75
N SER B 115 -6.28 -29.53 2.70
CA SER B 115 -7.73 -29.68 2.93
C SER B 115 -8.13 -31.01 3.59
N LEU B 116 -7.17 -31.91 3.79
CA LEU B 116 -7.43 -33.17 4.47
C LEU B 116 -7.29 -32.97 5.98
N SER B 117 -6.55 -31.95 6.36
CA SER B 117 -6.24 -31.75 7.78
C SER B 117 -7.01 -30.58 8.39
N THR B 118 -7.70 -29.84 7.54
CA THR B 118 -8.43 -28.62 7.93
C THR B 118 -9.96 -28.77 7.86
N THR B 119 -10.64 -28.21 8.85
CA THR B 119 -12.08 -28.10 8.83
C THR B 119 -12.49 -27.18 7.65
N ALA B 120 -11.69 -26.16 7.39
CA ALA B 120 -11.98 -25.22 6.30
C ALA B 120 -11.78 -25.86 4.95
N ASP B 121 -12.62 -25.47 4.00
CA ASP B 121 -12.42 -25.80 2.61
C ASP B 121 -11.18 -25.04 2.11
N VAL B 122 -10.52 -25.57 1.08
CA VAL B 122 -9.31 -24.95 0.59
C VAL B 122 -9.31 -24.88 -0.92
N LEU B 123 -8.91 -23.73 -1.46
CA LEU B 123 -8.81 -23.55 -2.89
C LEU B 123 -7.53 -22.86 -3.17
N LEU B 124 -7.11 -22.97 -4.42
CA LEU B 124 -5.99 -22.23 -4.92
C LEU B 124 -6.61 -21.30 -5.96
N ALA B 125 -6.33 -20.03 -5.85
CA ALA B 125 -6.90 -19.07 -6.77
C ALA B 125 -6.43 -19.41 -8.18
N ASP B 126 -7.36 -19.71 -9.08
CA ASP B 126 -7.00 -20.07 -10.47
C ASP B 126 -6.65 -18.80 -11.23
N VAL B 127 -5.46 -18.30 -10.95
CA VAL B 127 -5.03 -16.97 -11.33
C VAL B 127 -3.50 -16.96 -11.48
N ASN B 128 -2.99 -16.20 -12.42
CA ASN B 128 -1.61 -16.27 -12.85
C ASN B 128 -1.14 -14.88 -13.12
N HIS B 129 -0.11 -14.52 -12.36
CA HIS B 129 0.40 -13.15 -12.38
C HIS B 129 0.60 -12.56 -13.78
N TYR B 130 1.08 -13.40 -14.72
CA TYR B 130 1.63 -12.87 -15.99
C TYR B 130 0.61 -12.88 -17.10
N ARG B 131 -0.61 -13.30 -16.77
CA ARG B 131 -1.67 -13.41 -17.75
CA ARG B 131 -1.66 -13.42 -17.75
C ARG B 131 -2.89 -12.54 -17.46
N VAL B 132 -3.10 -12.20 -16.18
CA VAL B 132 -4.29 -11.44 -15.77
C VAL B 132 -3.93 -10.32 -14.81
N ASN B 133 -4.75 -9.27 -14.75
CA ASN B 133 -4.56 -8.22 -13.73
C ASN B 133 -5.56 -8.40 -12.54
N GLU B 134 -5.65 -7.37 -11.68
CA GLU B 134 -6.43 -7.41 -10.41
C GLU B 134 -7.88 -7.74 -10.69
N LEU B 135 -8.42 -7.06 -11.69
CA LEU B 135 -9.81 -7.14 -12.04
C LEU B 135 -10.15 -8.49 -12.64
N GLN B 136 -9.38 -8.92 -13.64
CA GLN B 136 -9.68 -10.27 -14.21
C GLN B 136 -9.54 -11.32 -13.12
N ALA B 137 -8.44 -11.27 -12.37
CA ALA B 137 -8.30 -12.20 -11.23
C ALA B 137 -9.52 -12.22 -10.32
N ALA B 138 -10.09 -11.05 -10.01
CA ALA B 138 -11.22 -11.00 -9.09
C ALA B 138 -12.44 -11.58 -9.74
N ASP B 139 -12.57 -11.37 -11.05
CA ASP B 139 -13.72 -11.89 -11.76
C ASP B 139 -13.72 -13.43 -11.71
N ARG B 140 -12.54 -13.99 -11.88
CA ARG B 140 -12.36 -15.45 -11.98
CA ARG B 140 -12.34 -15.46 -11.96
C ARG B 140 -12.52 -16.11 -10.61
N THR B 141 -11.79 -15.59 -9.63
CA THR B 141 -11.94 -16.06 -8.26
C THR B 141 -13.40 -16.11 -7.80
N LEU B 142 -14.14 -15.02 -8.00
CA LEU B 142 -15.54 -15.07 -7.60
C LEU B 142 -16.34 -16.26 -8.30
N GLU B 143 -16.11 -16.47 -9.60
CA GLU B 143 -16.76 -17.58 -10.32
C GLU B 143 -16.33 -18.90 -9.70
N GLN B 144 -15.04 -19.03 -9.47
CA GLN B 144 -14.47 -20.24 -8.97
C GLN B 144 -15.16 -20.69 -7.64
N ILE B 145 -15.33 -19.75 -6.72
CA ILE B 145 -15.92 -20.06 -5.41
C ILE B 145 -17.41 -20.38 -5.61
N VAL B 146 -18.11 -19.59 -6.40
CA VAL B 146 -19.51 -19.95 -6.63
C VAL B 146 -19.66 -21.39 -7.18
N GLN B 147 -18.85 -21.72 -8.15
CA GLN B 147 -18.97 -23.02 -8.79
C GLN B 147 -18.67 -24.14 -7.82
N PHE B 148 -17.57 -24.00 -7.10
CA PHE B 148 -17.20 -24.93 -6.09
C PHE B 148 -18.32 -25.26 -5.09
N TYR B 149 -19.01 -24.24 -4.60
CA TYR B 149 -20.01 -24.44 -3.52
C TYR B 149 -21.35 -24.84 -4.15
N ILE B 150 -21.55 -24.45 -5.43
CA ILE B 150 -22.68 -24.99 -6.17
C ILE B 150 -22.50 -26.49 -6.23
N ASP B 151 -21.27 -26.91 -6.54
CA ASP B 151 -20.92 -28.33 -6.66
C ASP B 151 -21.11 -29.11 -5.34
N LYS B 152 -20.69 -28.50 -4.22
CA LYS B 152 -20.86 -29.16 -2.93
C LYS B 152 -22.35 -29.36 -2.70
N ALA B 153 -23.13 -28.31 -2.91
CA ALA B 153 -24.59 -28.42 -2.69
C ALA B 153 -25.17 -29.62 -3.42
N ARG B 154 -24.79 -29.74 -4.70
CA ARG B 154 -25.29 -30.79 -5.59
CA ARG B 154 -25.36 -30.80 -5.52
C ARG B 154 -24.93 -32.20 -5.06
N ARG B 155 -23.65 -32.37 -4.75
CA ARG B 155 -23.20 -33.69 -4.32
CA ARG B 155 -23.11 -33.64 -4.27
C ARG B 155 -23.72 -34.06 -2.92
N GLN B 156 -24.21 -33.07 -2.16
CA GLN B 156 -24.77 -33.32 -0.82
C GLN B 156 -26.29 -33.35 -0.80
N GLY B 157 -26.89 -32.94 -1.90
CA GLY B 157 -28.33 -33.00 -2.03
C GLY B 157 -29.01 -31.77 -1.47
N THR B 158 -28.23 -30.75 -1.12
CA THR B 158 -28.80 -29.57 -0.50
C THR B 158 -29.04 -28.43 -1.47
N LEU B 159 -28.75 -28.65 -2.75
CA LEU B 159 -28.93 -27.60 -3.74
C LEU B 159 -30.39 -27.17 -3.83
N GLY B 160 -30.71 -26.04 -3.18
CA GLY B 160 -32.04 -25.45 -3.22
C GLY B 160 -32.27 -25.04 -4.65
N THR B 161 -33.16 -25.74 -5.34
CA THR B 161 -33.30 -25.55 -6.77
C THR B 161 -34.60 -24.89 -7.25
N SER B 162 -35.57 -24.71 -6.34
CA SER B 162 -36.84 -24.06 -6.69
C SER B 162 -36.85 -22.52 -6.51
N LYS B 163 -37.20 -21.81 -7.59
CA LYS B 163 -37.32 -20.35 -7.64
CA LYS B 163 -37.20 -20.38 -7.56
C LYS B 163 -38.23 -19.81 -6.54
N THR B 164 -37.89 -18.66 -5.97
CA THR B 164 -38.75 -18.04 -4.97
C THR B 164 -40.15 -17.76 -5.54
N PRO B 165 -41.18 -17.81 -4.68
CA PRO B 165 -42.58 -17.53 -5.07
C PRO B 165 -42.75 -16.16 -5.75
N THR B 166 -42.19 -15.12 -5.14
CA THR B 166 -42.25 -13.78 -5.70
C THR B 166 -40.89 -13.47 -6.37
N PRO B 167 -40.87 -12.63 -7.44
CA PRO B 167 -39.58 -12.37 -8.13
C PRO B 167 -38.54 -11.90 -7.16
N SER B 168 -37.31 -12.34 -7.37
CA SER B 168 -36.22 -12.00 -6.52
C SER B 168 -34.96 -12.00 -7.35
N VAL B 169 -33.89 -11.40 -6.84
CA VAL B 169 -32.65 -11.21 -7.59
C VAL B 169 -31.36 -11.51 -6.80
N ASN B 170 -30.30 -11.93 -7.48
CA ASN B 170 -28.95 -11.97 -6.87
C ASN B 170 -28.17 -10.77 -7.37
N ILE B 171 -27.57 -10.01 -6.46
CA ILE B 171 -26.74 -8.84 -6.86
C ILE B 171 -25.32 -9.32 -6.73
N ILE B 172 -24.60 -9.32 -7.86
CA ILE B 172 -23.30 -10.01 -8.00
C ILE B 172 -22.22 -9.03 -8.41
N GLY B 173 -21.09 -9.08 -7.73
CA GLY B 173 -19.98 -8.15 -8.01
C GLY B 173 -19.65 -7.02 -7.01
N ILE B 174 -20.38 -6.93 -5.89
CA ILE B 174 -20.00 -5.86 -4.91
C ILE B 174 -18.76 -6.19 -4.06
N THR B 175 -17.77 -5.32 -4.11
CA THR B 175 -16.47 -5.71 -3.62
C THR B 175 -15.74 -4.74 -2.70
N THR B 176 -14.89 -5.28 -1.85
CA THR B 176 -14.01 -4.52 -1.02
C THR B 176 -13.06 -3.72 -1.90
N LEU B 177 -12.76 -2.49 -1.49
CA LEU B 177 -11.84 -1.61 -2.23
C LEU B 177 -12.41 -1.24 -3.63
N GLY B 178 -13.64 -1.69 -3.89
CA GLY B 178 -14.42 -1.24 -5.07
C GLY B 178 -14.94 0.19 -4.92
N PHE B 179 -14.63 1.00 -5.92
CA PHE B 179 -15.06 2.42 -5.98
C PHE B 179 -16.53 2.63 -5.61
N HIS B 180 -16.75 3.22 -4.44
CA HIS B 180 -18.13 3.50 -3.96
C HIS B 180 -19.05 2.30 -3.99
N ASN B 181 -18.45 1.12 -3.82
CA ASN B 181 -19.27 -0.12 -3.78
C ASN B 181 -20.28 -0.28 -2.66
N GLN B 182 -19.87 -0.05 -1.41
CA GLN B 182 -20.81 -0.14 -0.25
C GLN B 182 -22.05 0.75 -0.47
N HIS B 183 -21.84 1.97 -0.91
CA HIS B 183 -22.99 2.84 -1.19
C HIS B 183 -23.82 2.36 -2.39
N ASP B 184 -23.14 1.84 -3.43
CA ASP B 184 -23.84 1.32 -4.64
C ASP B 184 -24.73 0.14 -4.26
N CYS B 185 -24.20 -0.67 -3.39
CA CYS B 185 -24.94 -1.80 -2.87
C CYS B 185 -26.23 -1.37 -2.18
N ARG B 186 -26.14 -0.41 -1.27
CA ARG B 186 -27.32 0.12 -0.58
CA ARG B 186 -27.33 0.08 -0.58
C ARG B 186 -28.26 0.73 -1.58
N GLU B 187 -27.71 1.51 -2.51
CA GLU B 187 -28.58 2.11 -3.55
C GLU B 187 -29.33 1.00 -4.37
N LEU B 188 -28.61 -0.08 -4.73
CA LEU B 188 -29.22 -1.22 -5.46
C LEU B 188 -30.29 -1.99 -4.68
N LYS B 189 -30.08 -2.24 -3.37
CA LYS B 189 -31.12 -2.97 -2.58
C LYS B 189 -32.38 -2.12 -2.45
N GLN B 190 -32.19 -0.82 -2.33
CA GLN B 190 -33.30 0.10 -2.21
C GLN B 190 -34.14 0.09 -3.52
N LEU B 191 -33.45 0.07 -4.66
CA LEU B 191 -34.14 0.07 -5.96
C LEU B 191 -34.98 -1.20 -6.15
N MET B 192 -34.38 -2.33 -5.79
CA MET B 192 -35.08 -3.62 -5.81
C MET B 192 -36.30 -3.58 -4.95
N ALA B 193 -36.17 -2.97 -3.78
CA ALA B 193 -37.27 -2.92 -2.85
C ALA B 193 -38.42 -2.07 -3.37
N ASP B 194 -38.08 -1.00 -4.07
CA ASP B 194 -39.05 -0.08 -4.68
C ASP B 194 -39.73 -0.70 -5.88
N LEU B 195 -39.00 -1.58 -6.59
CA LEU B 195 -39.49 -2.34 -7.73
C LEU B 195 -40.35 -3.58 -7.30
N GLY B 196 -40.39 -3.87 -6.00
CA GLY B 196 -41.12 -5.04 -5.44
C GLY B 196 -40.37 -6.36 -5.62
N ILE B 197 -39.05 -6.30 -5.82
CA ILE B 197 -38.22 -7.47 -6.00
C ILE B 197 -37.45 -7.84 -4.73
N GLN B 198 -37.78 -8.98 -4.11
CA GLN B 198 -36.94 -9.53 -3.02
C GLN B 198 -35.48 -9.66 -3.52
N VAL B 199 -34.54 -9.43 -2.61
CA VAL B 199 -33.13 -9.61 -2.88
C VAL B 199 -32.77 -10.97 -2.29
N ASN B 200 -32.44 -11.92 -3.16
CA ASN B 200 -32.08 -13.28 -2.75
C ASN B 200 -30.71 -13.33 -2.06
N LEU B 201 -29.69 -12.82 -2.72
CA LEU B 201 -28.36 -12.85 -2.16
C LEU B 201 -27.47 -11.71 -2.77
N VAL B 202 -26.55 -11.16 -1.96
CA VAL B 202 -25.55 -10.20 -2.46
C VAL B 202 -24.24 -10.86 -2.30
N ILE B 203 -23.49 -10.94 -3.40
CA ILE B 203 -22.24 -11.63 -3.35
C ILE B 203 -21.06 -10.78 -3.70
N PRO B 204 -19.90 -11.41 -3.44
CA PRO B 204 -18.89 -11.33 -2.41
C PRO B 204 -19.38 -10.55 -1.16
N ALA B 205 -19.47 -9.25 -1.21
CA ALA B 205 -19.60 -8.43 0.01
C ALA B 205 -20.53 -8.94 1.14
N ALA B 206 -19.92 -9.32 2.27
CA ALA B 206 -20.70 -9.71 3.45
C ALA B 206 -21.52 -11.02 3.31
N ALA B 207 -21.36 -11.75 2.21
CA ALA B 207 -22.05 -13.04 2.03
C ALA B 207 -21.36 -14.17 2.77
N THR B 208 -22.11 -15.18 3.16
CA THR B 208 -21.45 -16.36 3.64
C THR B 208 -21.49 -17.44 2.56
N VAL B 209 -20.35 -18.06 2.40
CA VAL B 209 -20.18 -19.23 1.56
C VAL B 209 -21.38 -20.26 1.60
N HIS B 210 -22.09 -20.33 2.71
CA HIS B 210 -23.19 -21.29 2.89
C HIS B 210 -24.45 -20.82 2.28
N ASP B 211 -24.48 -19.56 1.93
CA ASP B 211 -25.61 -18.98 1.26
C ASP B 211 -25.63 -19.34 -0.20
N LEU B 212 -24.44 -19.57 -0.76
CA LEU B 212 -24.29 -19.68 -2.22
C LEU B 212 -25.28 -20.59 -2.93
N GLN B 213 -25.61 -21.71 -2.28
CA GLN B 213 -26.54 -22.70 -2.81
C GLN B 213 -27.94 -22.16 -2.96
N ARG B 214 -28.23 -21.04 -2.34
CA ARG B 214 -29.55 -20.43 -2.51
C ARG B 214 -29.61 -19.66 -3.83
N LEU B 215 -28.44 -19.41 -4.46
CA LEU B 215 -28.33 -18.60 -5.74
C LEU B 215 -29.35 -18.96 -6.85
N PRO B 216 -29.51 -20.27 -7.12
CA PRO B 216 -30.41 -20.67 -8.21
C PRO B 216 -31.85 -20.34 -7.88
N GLN B 217 -32.13 -19.92 -6.64
CA GLN B 217 -33.52 -19.63 -6.26
C GLN B 217 -33.96 -18.27 -6.75
N ALA B 218 -32.99 -17.43 -7.13
CA ALA B 218 -33.30 -16.14 -7.79
C ALA B 218 -33.88 -16.35 -9.18
N TRP B 219 -34.79 -15.48 -9.57
CA TRP B 219 -35.32 -15.48 -10.88
C TRP B 219 -34.27 -15.03 -11.91
N PHE B 220 -33.31 -14.23 -11.46
CA PHE B 220 -32.28 -13.70 -12.36
C PHE B 220 -31.14 -13.06 -11.58
N ASN B 221 -30.15 -12.56 -12.30
CA ASN B 221 -29.02 -11.96 -11.65
C ASN B 221 -28.77 -10.58 -12.21
N LEU B 222 -28.48 -9.60 -11.34
CA LEU B 222 -28.05 -8.25 -11.71
C LEU B 222 -26.55 -8.08 -11.45
N VAL B 223 -25.82 -7.69 -12.49
CA VAL B 223 -24.37 -7.46 -12.42
C VAL B 223 -24.13 -5.98 -12.75
N PRO B 224 -23.96 -5.14 -11.72
CA PRO B 224 -23.75 -3.69 -11.86
C PRO B 224 -22.43 -3.25 -12.49
N TYR B 225 -21.35 -4.02 -12.35
CA TYR B 225 -20.05 -3.52 -12.85
C TYR B 225 -19.51 -4.43 -13.97
N ARG B 226 -19.04 -3.83 -15.03
CA ARG B 226 -18.54 -4.56 -16.18
C ARG B 226 -17.49 -5.56 -15.79
N GLU B 227 -16.59 -5.13 -14.92
CA GLU B 227 -15.36 -5.88 -14.65
C GLU B 227 -15.42 -7.01 -13.62
N ILE B 228 -16.42 -7.06 -12.77
CA ILE B 228 -16.40 -8.16 -11.78
C ILE B 228 -17.77 -8.80 -11.68
N GLY B 229 -17.85 -10.09 -11.99
CA GLY B 229 -19.12 -10.83 -11.81
C GLY B 229 -19.73 -11.42 -13.07
N GLY B 230 -19.25 -10.93 -14.21
CA GLY B 230 -19.67 -11.45 -15.51
C GLY B 230 -19.54 -12.95 -15.56
N LEU B 231 -18.33 -13.46 -15.28
CA LEU B 231 -18.06 -14.90 -15.24
C LEU B 231 -19.13 -15.59 -14.45
N THR B 232 -19.36 -15.18 -13.21
CA THR B 232 -20.32 -15.87 -12.35
C THR B 232 -21.74 -15.79 -12.94
N ALA B 233 -22.15 -14.64 -13.47
CA ALA B 233 -23.53 -14.54 -14.01
C ALA B 233 -23.76 -15.52 -15.13
N GLN B 234 -22.68 -15.79 -15.88
CA GLN B 234 -22.73 -16.63 -17.10
C GLN B 234 -22.82 -18.13 -16.80
N TYR B 235 -22.08 -18.52 -15.78
CA TYR B 235 -22.12 -19.86 -15.28
C TYR B 235 -23.52 -20.25 -14.76
N LEU B 236 -24.15 -19.34 -14.05
CA LEU B 236 -25.49 -19.57 -13.54
C LEU B 236 -26.53 -19.61 -14.68
N GLU B 237 -26.27 -18.87 -15.75
CA GLU B 237 -27.13 -18.94 -16.90
C GLU B 237 -27.04 -20.32 -17.48
N ARG B 238 -25.81 -20.82 -17.70
CA ARG B 238 -25.73 -22.11 -18.40
C ARG B 238 -26.11 -23.33 -17.56
N GLU B 239 -25.93 -23.20 -16.26
CA GLU B 239 -26.27 -24.27 -15.37
C GLU B 239 -27.71 -24.19 -14.97
N PHE B 240 -28.26 -22.99 -14.88
CA PHE B 240 -29.60 -22.93 -14.32
C PHE B 240 -30.61 -22.31 -15.24
N GLY B 241 -30.13 -21.76 -16.36
CA GLY B 241 -30.99 -20.99 -17.24
C GLY B 241 -31.34 -19.66 -16.57
N GLN B 242 -30.45 -19.19 -15.69
CA GLN B 242 -30.68 -17.96 -14.92
C GLN B 242 -30.26 -16.73 -15.70
N PRO B 243 -31.23 -15.99 -16.16
CA PRO B 243 -30.88 -14.84 -16.97
C PRO B 243 -30.21 -13.76 -16.10
N SER B 244 -29.62 -12.76 -16.75
CA SER B 244 -28.84 -11.72 -16.11
C SER B 244 -29.15 -10.41 -16.79
N VAL B 245 -29.00 -9.32 -16.05
CA VAL B 245 -29.11 -7.98 -16.61
C VAL B 245 -27.76 -7.37 -16.31
N ARG B 246 -27.02 -6.97 -17.33
CA ARG B 246 -25.68 -6.39 -17.10
C ARG B 246 -25.61 -4.94 -17.51
N ILE B 247 -26.72 -4.25 -17.40
CA ILE B 247 -26.70 -2.83 -17.70
C ILE B 247 -26.54 -2.07 -16.40
N THR B 248 -25.32 -1.53 -16.25
CA THR B 248 -24.94 -0.64 -15.14
C THR B 248 -25.93 0.52 -15.05
N PRO B 249 -26.81 0.52 -14.02
CA PRO B 249 -27.72 1.64 -13.87
C PRO B 249 -26.96 2.85 -13.32
N MET B 250 -26.21 3.51 -14.19
CA MET B 250 -25.43 4.65 -13.79
C MET B 250 -25.72 5.79 -14.72
N GLY B 251 -26.53 6.75 -14.27
CA GLY B 251 -27.00 7.89 -15.07
C GLY B 251 -28.50 7.75 -15.31
N VAL B 252 -29.16 8.79 -15.81
CA VAL B 252 -30.64 8.67 -16.02
C VAL B 252 -31.05 7.72 -17.13
N VAL B 253 -30.39 7.82 -18.26
CA VAL B 253 -30.82 7.00 -19.40
C VAL B 253 -30.51 5.53 -19.21
N GLU B 254 -29.30 5.24 -18.72
CA GLU B 254 -28.89 3.88 -18.36
C GLU B 254 -29.64 3.27 -17.17
N THR B 255 -30.03 4.08 -16.19
CA THR B 255 -30.80 3.52 -15.12
C THR B 255 -32.13 2.99 -15.66
N ALA B 256 -32.77 3.78 -16.52
CA ALA B 256 -34.02 3.41 -17.20
C ALA B 256 -33.88 2.13 -18.04
N ARG B 257 -32.74 1.95 -18.70
CA ARG B 257 -32.51 0.73 -19.49
C ARG B 257 -32.50 -0.49 -18.58
N CYS B 258 -31.69 -0.40 -17.53
CA CYS B 258 -31.51 -1.50 -16.60
C CYS B 258 -32.89 -1.97 -16.15
N ILE B 259 -33.73 -1.02 -15.83
CA ILE B 259 -34.99 -1.32 -15.24
C ILE B 259 -35.95 -1.91 -16.25
N ARG B 260 -35.83 -1.50 -17.51
CA ARG B 260 -36.65 -2.07 -18.59
C ARG B 260 -36.27 -3.52 -18.88
N ALA B 261 -34.97 -3.78 -18.91
CA ALA B 261 -34.41 -5.11 -19.06
C ALA B 261 -34.93 -6.09 -17.96
N ILE B 262 -34.81 -5.67 -16.71
CA ILE B 262 -35.39 -6.40 -15.58
C ILE B 262 -36.88 -6.69 -15.88
N GLN B 263 -37.60 -5.66 -16.31
CA GLN B 263 -39.00 -5.81 -16.74
C GLN B 263 -39.22 -6.97 -17.73
N GLY B 264 -38.40 -7.04 -18.78
CA GLY B 264 -38.54 -8.09 -19.82
C GLY B 264 -38.28 -9.48 -19.29
N VAL B 265 -37.20 -9.60 -18.55
CA VAL B 265 -36.71 -10.86 -18.00
C VAL B 265 -37.67 -11.52 -16.99
N LEU B 266 -38.47 -10.71 -16.32
CA LEU B 266 -39.35 -11.20 -15.28
C LEU B 266 -40.70 -11.55 -15.88
N ASN B 267 -41.23 -10.65 -16.72
CA ASN B 267 -42.43 -10.93 -17.50
C ASN B 267 -42.28 -12.15 -18.38
N ALA B 268 -41.04 -12.46 -18.77
CA ALA B 268 -40.72 -13.65 -19.56
C ALA B 268 -40.92 -14.91 -18.75
N GLN B 269 -40.89 -14.77 -17.42
CA GLN B 269 -41.15 -15.90 -16.53
C GLN B 269 -42.45 -15.71 -15.77
N GLY B 270 -43.27 -14.77 -16.24
CA GLY B 270 -44.65 -14.64 -15.77
C GLY B 270 -44.95 -13.61 -14.71
N ALA B 271 -43.99 -12.72 -14.43
CA ALA B 271 -44.16 -11.71 -13.37
C ALA B 271 -45.38 -10.79 -13.54
N GLY B 272 -45.75 -10.48 -14.78
CA GLY B 272 -46.90 -9.58 -15.06
C GLY B 272 -46.67 -8.13 -14.62
N VAL B 273 -45.44 -7.61 -14.82
CA VAL B 273 -45.06 -6.28 -14.29
C VAL B 273 -44.65 -5.19 -15.28
N ASN B 274 -45.24 -4.03 -15.11
CA ASN B 274 -44.85 -2.84 -15.85
C ASN B 274 -44.21 -1.85 -14.89
N TYR B 275 -42.94 -1.51 -15.14
CA TYR B 275 -42.19 -0.51 -14.35
C TYR B 275 -42.29 0.91 -14.89
N GLU B 276 -42.89 1.06 -16.06
CA GLU B 276 -42.86 2.32 -16.78
C GLU B 276 -43.32 3.51 -15.94
N ALA B 277 -44.31 3.32 -15.06
CA ALA B 277 -44.77 4.46 -14.26
C ALA B 277 -43.75 4.75 -13.16
N PHE B 278 -43.02 3.73 -12.77
CA PHE B 278 -42.01 3.89 -11.76
C PHE B 278 -40.86 4.72 -12.29
N ILE B 279 -40.46 4.43 -13.52
CA ILE B 279 -39.40 5.15 -14.17
C ILE B 279 -39.80 6.63 -14.39
N GLU B 280 -41.02 6.88 -14.83
CA GLU B 280 -41.42 8.26 -15.01
C GLU B 280 -41.36 8.99 -13.68
N GLN B 281 -41.92 8.36 -12.65
CA GLN B 281 -42.05 9.01 -11.34
C GLN B 281 -40.72 9.28 -10.67
N GLN B 282 -39.79 8.34 -10.76
CA GLN B 282 -38.43 8.55 -10.26
C GLN B 282 -37.65 9.58 -11.06
N THR B 283 -37.88 9.62 -12.37
CA THR B 283 -37.07 10.48 -13.24
C THR B 283 -37.41 11.96 -13.08
N ARG B 284 -38.68 12.23 -12.82
CA ARG B 284 -39.23 13.57 -12.60
C ARG B 284 -39.08 13.98 -11.15
N GLU B 285 -39.45 13.09 -10.22
CA GLU B 285 -39.46 13.39 -8.77
C GLU B 285 -38.17 13.09 -7.93
N VAL B 286 -37.53 11.94 -8.14
CA VAL B 286 -36.41 11.55 -7.26
C VAL B 286 -35.06 11.97 -7.82
N SER B 287 -34.76 11.57 -9.04
CA SER B 287 -33.64 12.16 -9.73
C SER B 287 -33.92 13.63 -10.11
N GLN B 288 -32.90 14.47 -9.97
CA GLN B 288 -32.95 15.86 -10.40
C GLN B 288 -32.17 16.01 -11.71
N ALA B 289 -31.57 14.92 -12.17
CA ALA B 289 -30.71 15.00 -13.35
C ALA B 289 -31.46 15.40 -14.65
N ALA B 290 -32.68 14.88 -14.85
CA ALA B 290 -33.42 15.26 -16.03
C ALA B 290 -33.68 16.72 -15.96
N TRP B 291 -34.17 17.17 -14.79
CA TRP B 291 -34.43 18.61 -14.63
C TRP B 291 -33.12 19.40 -14.82
N PHE B 292 -32.01 18.92 -14.25
CA PHE B 292 -30.71 19.64 -14.45
C PHE B 292 -30.40 19.91 -15.93
N SER B 293 -30.66 18.91 -16.78
CA SER B 293 -30.35 18.96 -18.21
C SER B 293 -31.08 20.05 -18.91
N ARG B 294 -32.21 20.47 -18.36
CA ARG B 294 -33.04 21.50 -19.01
C ARG B 294 -32.71 22.90 -18.50
N SER B 295 -32.10 22.92 -17.33
CA SER B 295 -31.87 24.15 -16.53
C SER B 295 -30.82 25.06 -17.15
N ILE B 296 -30.74 26.30 -16.70
CA ILE B 296 -29.82 27.21 -17.36
C ILE B 296 -28.37 26.88 -16.99
N ASP B 297 -28.20 26.16 -15.89
CA ASP B 297 -26.91 25.79 -15.35
C ASP B 297 -26.26 24.86 -16.35
N CYS B 298 -27.01 23.86 -16.77
CA CYS B 298 -26.54 22.90 -17.72
C CYS B 298 -26.38 23.56 -19.09
N GLN B 299 -27.31 24.44 -19.44
CA GLN B 299 -27.22 25.16 -20.72
C GLN B 299 -25.89 25.88 -20.84
N ASN B 300 -25.40 26.44 -19.74
CA ASN B 300 -24.11 27.08 -19.85
C ASN B 300 -22.95 26.13 -20.15
N LEU B 301 -23.12 24.83 -19.91
CA LEU B 301 -22.06 23.83 -20.23
C LEU B 301 -22.00 23.33 -21.69
N THR B 302 -23.10 23.49 -22.45
CA THR B 302 -23.14 22.99 -23.83
C THR B 302 -21.88 23.31 -24.59
N GLY B 303 -21.29 22.29 -25.16
CA GLY B 303 -20.16 22.50 -26.04
C GLY B 303 -18.84 22.61 -25.32
N LYS B 304 -18.87 22.61 -23.99
CA LYS B 304 -17.64 22.69 -23.21
C LYS B 304 -16.95 21.38 -23.35
N LYS B 305 -15.63 21.42 -23.38
CA LYS B 305 -14.81 20.24 -23.60
C LYS B 305 -14.45 19.44 -22.34
N ALA B 306 -14.60 18.12 -22.39
CA ALA B 306 -14.16 17.23 -21.29
C ALA B 306 -13.39 16.06 -21.81
N VAL B 307 -12.56 15.48 -20.95
CA VAL B 307 -11.93 14.19 -21.25
C VAL B 307 -12.28 13.28 -20.11
N VAL B 308 -12.34 11.96 -20.37
CA VAL B 308 -12.80 10.96 -19.43
C VAL B 308 -11.87 9.76 -19.50
N PHE B 309 -11.47 9.27 -18.37
CA PHE B 309 -10.56 8.21 -18.34
C PHE B 309 -10.79 7.45 -17.05
N GLY B 310 -10.81 6.14 -17.13
CA GLY B 310 -11.05 5.32 -15.97
C GLY B 310 -11.20 3.85 -16.30
N ASP B 311 -11.95 3.13 -15.51
CA ASP B 311 -12.18 1.77 -15.80
C ASP B 311 -13.39 1.68 -16.82
N ASN B 312 -13.68 0.49 -17.32
CA ASN B 312 -14.73 0.33 -18.31
C ASN B 312 -16.09 0.83 -17.83
N THR B 313 -16.52 0.37 -16.67
CA THR B 313 -17.81 0.80 -16.18
C THR B 313 -18.00 2.29 -16.03
N HIS B 314 -17.05 2.96 -15.39
CA HIS B 314 -17.33 4.33 -14.96
C HIS B 314 -17.00 5.26 -16.09
N ALA B 315 -15.97 4.94 -16.86
CA ALA B 315 -15.64 5.84 -17.99
C ALA B 315 -16.69 5.75 -19.09
N ALA B 316 -17.29 4.59 -19.27
CA ALA B 316 -18.30 4.48 -20.31
C ALA B 316 -19.58 5.11 -19.86
N ALA B 317 -19.95 4.88 -18.61
CA ALA B 317 -21.15 5.51 -18.11
C ALA B 317 -20.96 7.05 -18.06
N MET B 318 -19.79 7.53 -17.62
CA MET B 318 -19.56 8.98 -17.50
C MET B 318 -19.64 9.61 -18.89
N THR B 319 -19.04 8.95 -19.85
CA THR B 319 -19.00 9.46 -21.22
C THR B 319 -20.41 9.63 -21.75
N LYS B 320 -21.28 8.66 -21.52
CA LYS B 320 -22.64 8.80 -22.02
C LYS B 320 -23.48 9.78 -21.21
N ILE B 321 -23.15 9.99 -19.94
CA ILE B 321 -23.87 11.03 -19.18
C ILE B 321 -23.47 12.44 -19.72
N LEU B 322 -22.19 12.67 -19.91
CA LEU B 322 -21.71 13.97 -20.39
C LEU B 322 -22.33 14.36 -21.74
N SER B 323 -22.25 13.45 -22.73
CA SER B 323 -22.74 13.72 -24.10
C SER B 323 -24.24 13.69 -24.24
N ARG B 324 -24.83 12.57 -23.81
CA ARG B 324 -26.23 12.35 -24.08
CA ARG B 324 -26.23 12.32 -24.07
C ARG B 324 -27.13 13.11 -23.12
N GLU B 325 -26.65 13.33 -21.89
CA GLU B 325 -27.53 13.96 -20.88
C GLU B 325 -27.22 15.39 -20.56
N MET B 326 -26.06 15.87 -20.98
CA MET B 326 -25.71 17.25 -20.63
C MET B 326 -25.13 18.05 -21.75
N GLY B 327 -25.08 17.51 -22.97
CA GLY B 327 -24.57 18.31 -24.09
C GLY B 327 -23.11 18.74 -24.05
N ILE B 328 -22.32 18.03 -23.23
CA ILE B 328 -20.91 18.28 -23.17
C ILE B 328 -20.17 17.65 -24.36
N HIS B 329 -19.04 18.25 -24.72
CA HIS B 329 -18.25 17.79 -25.83
C HIS B 329 -17.12 16.96 -25.31
N VAL B 330 -17.25 15.64 -25.35
CA VAL B 330 -16.20 14.75 -24.81
C VAL B 330 -15.22 14.51 -25.93
N VAL B 331 -14.07 15.15 -25.83
CA VAL B 331 -13.10 15.09 -26.90
C VAL B 331 -12.55 13.65 -27.05
N TRP B 332 -12.17 13.03 -25.93
CA TRP B 332 -11.80 11.62 -25.93
C TRP B 332 -12.25 10.97 -24.61
N ALA B 333 -12.54 9.68 -24.65
CA ALA B 333 -12.87 8.89 -23.50
C ALA B 333 -11.96 7.70 -23.61
N GLY B 334 -11.48 7.22 -22.48
CA GLY B 334 -10.51 6.13 -22.53
C GLY B 334 -10.68 5.20 -21.40
N THR B 335 -9.97 4.07 -21.45
CA THR B 335 -10.02 3.10 -20.35
C THR B 335 -8.68 2.44 -20.25
N TYR B 336 -8.35 1.85 -19.09
CA TYR B 336 -7.06 1.15 -18.90
C TYR B 336 -7.29 -0.35 -18.91
N CYS B 337 -8.56 -0.73 -19.02
CA CYS B 337 -8.95 -2.11 -19.22
C CYS B 337 -8.75 -2.48 -20.70
N LYS B 338 -7.51 -2.52 -21.12
CA LYS B 338 -7.08 -2.98 -22.42
C LYS B 338 -7.66 -4.34 -22.80
N TYR B 339 -7.73 -5.25 -21.84
CA TYR B 339 -8.11 -6.65 -22.13
C TYR B 339 -9.62 -6.68 -22.45
N ASP B 340 -10.32 -5.57 -22.21
CA ASP B 340 -11.74 -5.49 -22.46
C ASP B 340 -11.98 -4.23 -23.28
N ALA B 341 -10.99 -3.81 -24.05
CA ALA B 341 -11.10 -2.58 -24.92
C ALA B 341 -12.26 -2.58 -25.95
N ASP B 342 -12.57 -3.72 -26.55
CA ASP B 342 -13.60 -3.75 -27.59
C ASP B 342 -14.93 -3.42 -26.99
N TRP B 343 -15.20 -3.93 -25.77
CA TRP B 343 -16.49 -3.60 -25.13
C TRP B 343 -16.58 -2.07 -24.98
N PHE B 344 -15.43 -1.45 -24.69
CA PHE B 344 -15.41 -0.04 -24.32
C PHE B 344 -15.74 0.79 -25.52
N ARG B 345 -14.99 0.50 -26.61
CA ARG B 345 -15.17 1.21 -27.91
C ARG B 345 -16.61 1.13 -28.37
N ALA B 346 -17.24 -0.02 -28.18
CA ALA B 346 -18.66 -0.15 -28.55
C ALA B 346 -19.55 0.63 -27.64
N GLU B 347 -19.28 0.59 -26.31
CA GLU B 347 -20.16 1.37 -25.41
C GLU B 347 -20.12 2.84 -25.69
N VAL B 348 -18.95 3.36 -26.05
CA VAL B 348 -18.87 4.80 -26.22
C VAL B 348 -18.96 5.33 -27.63
N ALA B 349 -19.17 4.45 -28.61
CA ALA B 349 -19.30 4.87 -30.01
C ALA B 349 -20.40 5.89 -30.15
N GLY B 350 -20.05 7.01 -30.77
CA GLY B 350 -20.99 8.06 -30.96
C GLY B 350 -21.14 8.95 -29.76
N PHE B 351 -20.31 8.78 -28.72
CA PHE B 351 -20.39 9.66 -27.50
C PHE B 351 -19.09 10.47 -27.24
N CYS B 352 -18.04 10.19 -27.98
CA CYS B 352 -16.84 11.00 -27.94
C CYS B 352 -16.25 11.02 -29.31
N ASP B 353 -15.33 11.93 -29.55
CA ASP B 353 -14.74 12.09 -30.88
C ASP B 353 -13.72 11.03 -31.15
N GLU B 354 -13.14 10.51 -30.07
CA GLU B 354 -11.96 9.66 -30.18
C GLU B 354 -11.88 8.77 -28.93
N VAL B 355 -11.28 7.61 -29.07
CA VAL B 355 -11.27 6.67 -27.99
C VAL B 355 -9.84 6.44 -27.62
N LEU B 356 -9.53 6.45 -26.34
CA LEU B 356 -8.15 6.26 -25.99
C LEU B 356 -7.97 4.95 -25.16
N ILE B 357 -7.16 4.04 -25.66
CA ILE B 357 -6.98 2.81 -24.94
C ILE B 357 -5.55 2.71 -24.51
N THR B 358 -5.28 2.86 -23.23
CA THR B 358 -3.91 2.80 -22.77
C THR B 358 -3.91 2.61 -21.30
N ASP B 359 -2.76 2.21 -20.81
CA ASP B 359 -2.56 2.09 -19.39
C ASP B 359 -1.28 2.76 -18.97
N ASP B 360 -0.79 3.67 -19.84
CA ASP B 360 0.41 4.50 -19.59
C ASP B 360 -0.11 5.88 -19.18
N HIS B 361 0.14 6.30 -17.93
CA HIS B 361 -0.39 7.59 -17.44
C HIS B 361 0.18 8.75 -18.20
N THR B 362 1.44 8.66 -18.65
CA THR B 362 2.05 9.75 -19.44
C THR B 362 1.40 9.93 -20.83
N VAL B 363 0.84 8.85 -21.39
CA VAL B 363 0.07 9.03 -22.64
C VAL B 363 -1.26 9.76 -22.32
N VAL B 364 -1.86 9.42 -21.19
CA VAL B 364 -3.08 10.09 -20.77
C VAL B 364 -2.80 11.56 -20.47
N GLY B 365 -1.67 11.84 -19.82
CA GLY B 365 -1.33 13.19 -19.46
C GLY B 365 -1.10 14.12 -20.62
N ASP B 366 -0.39 13.61 -21.61
CA ASP B 366 -0.08 14.37 -22.79
C ASP B 366 -1.34 14.60 -23.58
N ALA B 367 -2.26 13.64 -23.51
CA ALA B 367 -3.51 13.75 -24.24
C ALA B 367 -4.47 14.74 -23.56
N ILE B 368 -4.25 15.02 -22.27
CA ILE B 368 -4.97 16.09 -21.56
C ILE B 368 -4.42 17.47 -21.92
N ALA B 369 -3.08 17.61 -22.04
CA ALA B 369 -2.43 18.91 -22.30
C ALA B 369 -2.71 19.45 -23.70
N ARG B 370 -2.77 18.52 -24.66
CA ARG B 370 -2.97 18.80 -26.07
C ARG B 370 -4.40 19.25 -26.36
N VAL B 371 -5.34 18.71 -25.60
CA VAL B 371 -6.73 19.00 -25.78
C VAL B 371 -7.24 20.20 -24.93
N GLU B 372 -6.58 20.48 -23.82
CA GLU B 372 -7.01 21.54 -22.88
C GLU B 372 -8.52 21.58 -22.62
N PRO B 373 -9.03 20.52 -22.01
CA PRO B 373 -10.44 20.53 -21.68
C PRO B 373 -10.73 21.55 -20.55
N ALA B 374 -12.01 21.82 -20.30
CA ALA B 374 -12.48 22.68 -19.24
C ALA B 374 -12.62 21.85 -17.99
N ALA B 375 -12.77 20.55 -18.16
CA ALA B 375 -12.77 19.64 -17.00
C ALA B 375 -12.33 18.20 -17.36
N ILE B 376 -11.85 17.48 -16.37
CA ILE B 376 -11.30 16.15 -16.46
C ILE B 376 -12.08 15.25 -15.52
N PHE B 377 -12.48 14.09 -16.01
CA PHE B 377 -13.09 13.05 -15.16
C PHE B 377 -12.22 11.84 -15.34
N GLY B 378 -11.54 11.44 -14.27
CA GLY B 378 -10.48 10.41 -14.34
C GLY B 378 -10.11 9.84 -12.97
N THR B 379 -8.89 9.30 -12.85
CA THR B 379 -8.41 8.73 -11.58
C THR B 379 -7.61 9.80 -10.78
N GLN B 380 -7.00 9.38 -9.65
CA GLN B 380 -6.19 10.30 -8.86
C GLN B 380 -5.06 10.86 -9.64
N MET B 381 -4.52 10.06 -10.54
CA MET B 381 -3.45 10.55 -11.41
CA MET B 381 -3.45 10.51 -11.42
C MET B 381 -3.95 11.61 -12.41
N GLU B 382 -5.21 11.53 -12.85
CA GLU B 382 -5.69 12.58 -13.76
C GLU B 382 -5.98 13.84 -12.92
N ARG B 383 -6.36 13.63 -11.67
CA ARG B 383 -6.59 14.74 -10.75
C ARG B 383 -5.27 15.52 -10.56
N HIS B 384 -4.18 14.79 -10.33
CA HIS B 384 -2.88 15.45 -10.25
C HIS B 384 -2.39 16.11 -11.55
N VAL B 385 -2.86 15.66 -12.71
CA VAL B 385 -2.47 16.34 -13.93
C VAL B 385 -3.22 17.65 -13.99
N GLY B 386 -4.49 17.61 -13.57
CA GLY B 386 -5.33 18.82 -13.48
C GLY B 386 -4.72 19.91 -12.62
N LYS B 387 -4.23 19.52 -11.44
CA LYS B 387 -3.50 20.46 -10.55
C LYS B 387 -2.26 21.07 -11.23
N ARG B 388 -1.40 20.24 -11.84
CA ARG B 388 -0.26 20.77 -12.58
CA ARG B 388 -0.26 20.72 -12.59
C ARG B 388 -0.72 21.70 -13.69
N LEU B 389 -1.83 21.39 -14.35
CA LEU B 389 -2.28 22.23 -15.48
C LEU B 389 -3.35 23.27 -15.15
N ASN B 390 -3.72 23.39 -13.88
CA ASN B 390 -4.76 24.35 -13.52
C ASN B 390 -6.13 24.01 -14.20
N ILE B 391 -6.54 22.72 -14.16
CA ILE B 391 -7.84 22.26 -14.72
C ILE B 391 -8.62 21.39 -13.70
N PRO B 392 -9.89 21.71 -13.42
CA PRO B 392 -10.56 20.85 -12.44
C PRO B 392 -10.73 19.39 -12.85
N CYS B 393 -10.76 18.52 -11.87
CA CYS B 393 -10.95 17.10 -12.11
C CYS B 393 -11.93 16.43 -11.14
N GLY B 394 -12.90 15.72 -11.67
CA GLY B 394 -13.75 14.86 -10.83
C GLY B 394 -13.23 13.43 -10.93
N VAL B 395 -13.06 12.80 -9.78
CA VAL B 395 -12.49 11.46 -9.71
C VAL B 395 -13.60 10.42 -9.88
N ILE B 396 -13.46 9.56 -10.89
CA ILE B 396 -14.53 8.61 -11.20
C ILE B 396 -14.12 7.16 -11.11
N ALA B 397 -12.85 6.87 -10.85
CA ALA B 397 -12.43 5.45 -10.87
C ALA B 397 -11.19 5.20 -10.10
N ALA B 398 -10.98 3.94 -9.75
CA ALA B 398 -9.83 3.61 -8.97
C ALA B 398 -8.52 3.94 -9.69
N PRO B 399 -7.40 3.73 -8.92
CA PRO B 399 -6.45 4.36 -7.98
C PRO B 399 -7.16 5.51 -7.36
N ILE B 400 -7.64 5.24 -6.15
CA ILE B 400 -8.32 6.23 -5.36
C ILE B 400 -7.69 6.34 -4.01
N HIS B 401 -7.93 7.49 -3.39
CA HIS B 401 -7.40 7.78 -2.07
C HIS B 401 -8.48 7.78 -1.05
N ILE B 402 -8.09 8.03 0.18
CA ILE B 402 -9.00 8.01 1.31
C ILE B 402 -10.17 8.99 1.06
N GLN B 403 -9.88 10.16 0.55
CA GLN B 403 -11.01 11.04 0.29
C GLN B 403 -12.00 10.38 -0.74
N ASP B 404 -11.58 9.32 -1.41
CA ASP B 404 -12.53 8.68 -2.33
C ASP B 404 -13.30 7.53 -1.68
N PHE B 405 -13.11 7.32 -0.38
CA PHE B 405 -13.98 6.43 0.42
C PHE B 405 -14.85 7.17 1.47
N PRO B 406 -15.75 8.06 1.04
CA PRO B 406 -16.58 8.84 2.01
C PRO B 406 -17.47 7.99 2.93
N VAL B 407 -17.74 8.48 4.15
CA VAL B 407 -18.75 7.81 4.96
C VAL B 407 -20.15 8.44 4.70
N GLY B 408 -20.16 9.65 4.14
CA GLY B 408 -21.38 10.25 3.63
C GLY B 408 -21.87 9.35 2.52
N TYR B 409 -23.17 9.28 2.33
CA TYR B 409 -23.79 8.41 1.34
C TYR B 409 -23.53 8.93 -0.05
N ARG B 410 -22.66 8.24 -0.79
CA ARG B 410 -22.28 8.62 -2.18
C ARG B 410 -22.30 7.45 -3.17
N PRO B 411 -23.48 6.92 -3.46
CA PRO B 411 -23.52 5.91 -4.55
C PRO B 411 -23.27 6.59 -5.91
N PHE B 412 -22.78 5.83 -6.90
CA PHE B 412 -22.77 6.35 -8.29
C PHE B 412 -23.92 5.80 -9.10
N LEU B 413 -24.51 4.71 -8.59
CA LEU B 413 -25.53 3.98 -9.30
C LEU B 413 -26.89 4.34 -8.83
N GLY B 414 -27.91 4.08 -9.65
CA GLY B 414 -29.27 4.23 -9.21
C GLY B 414 -29.74 5.66 -9.24
N TYR B 415 -30.91 5.91 -8.66
CA TYR B 415 -31.47 7.24 -8.85
C TYR B 415 -30.79 8.29 -8.02
N GLU B 416 -30.42 7.97 -6.78
CA GLU B 416 -29.63 8.92 -5.98
C GLU B 416 -28.24 9.10 -6.61
N GLY B 417 -27.68 8.02 -7.17
CA GLY B 417 -26.39 8.11 -7.85
C GLY B 417 -26.45 9.19 -8.94
N THR B 418 -27.58 9.29 -9.66
CA THR B 418 -27.70 10.37 -10.67
C THR B 418 -27.59 11.74 -10.04
N ASN B 419 -28.13 11.89 -8.85
CA ASN B 419 -28.02 13.15 -8.12
C ASN B 419 -26.59 13.50 -7.80
N GLN B 420 -25.82 12.53 -7.31
CA GLN B 420 -24.39 12.72 -7.01
C GLN B 420 -23.56 13.11 -8.23
N LEU B 421 -23.90 12.57 -9.41
CA LEU B 421 -23.10 12.80 -10.63
C LEU B 421 -23.29 14.20 -11.21
N VAL B 422 -24.54 14.67 -11.19
CA VAL B 422 -24.81 16.09 -11.39
C VAL B 422 -23.89 17.00 -10.57
N ASP B 423 -23.84 16.80 -9.24
CA ASP B 423 -23.03 17.69 -8.38
C ASP B 423 -21.59 17.54 -8.78
N LEU B 424 -21.11 16.29 -8.87
CA LEU B 424 -19.73 16.09 -9.22
C LEU B 424 -19.35 16.81 -10.51
N ILE B 425 -20.22 16.71 -11.53
CA ILE B 425 -19.97 17.35 -12.82
C ILE B 425 -20.11 18.87 -12.80
N TYR B 426 -21.27 19.35 -12.31
CA TYR B 426 -21.48 20.82 -12.28
C TYR B 426 -20.37 21.46 -11.44
N ASN B 427 -19.99 20.84 -10.32
CA ASN B 427 -18.96 21.42 -9.46
C ASN B 427 -17.60 21.51 -10.15
N SER B 428 -17.21 20.52 -10.93
CA SER B 428 -15.87 20.59 -11.58
C SER B 428 -15.87 21.69 -12.63
N PHE B 429 -16.96 21.80 -13.36
CA PHE B 429 -17.00 22.84 -14.40
C PHE B 429 -17.00 24.18 -13.76
N THR B 430 -17.82 24.35 -12.72
CA THR B 430 -17.97 25.69 -12.14
C THR B 430 -16.75 26.15 -11.35
N LEU B 431 -16.07 25.23 -10.66
CA LEU B 431 -14.80 25.60 -10.01
C LEU B 431 -13.79 26.20 -10.97
N GLY B 432 -13.63 25.62 -12.15
CA GLY B 432 -12.70 26.18 -13.15
C GLY B 432 -13.14 27.46 -13.82
N MET B 433 -14.44 27.66 -13.96
CA MET B 433 -14.91 28.92 -14.48
C MET B 433 -14.69 30.03 -13.47
N GLU B 434 -14.99 29.74 -12.20
CA GLU B 434 -14.95 30.74 -11.13
C GLU B 434 -13.55 31.22 -10.87
N ASP B 435 -12.61 30.29 -11.01
CA ASP B 435 -11.17 30.55 -10.98
C ASP B 435 -10.75 31.46 -12.14
N HIS B 436 -11.17 31.17 -13.38
CA HIS B 436 -10.74 31.96 -14.51
C HIS B 436 -11.24 33.40 -14.35
N LEU B 437 -12.41 33.52 -13.77
CA LEU B 437 -13.04 34.83 -13.55
C LEU B 437 -12.34 35.63 -12.48
N LEU B 438 -12.00 34.99 -11.37
CA LEU B 438 -11.21 35.62 -10.31
C LEU B 438 -10.00 36.30 -10.85
N GLU B 439 -9.21 35.56 -11.64
CA GLU B 439 -7.94 36.08 -12.15
C GLU B 439 -8.19 37.21 -13.12
N ILE B 440 -9.19 37.00 -13.97
CA ILE B 440 -9.64 38.00 -14.93
C ILE B 440 -10.02 39.34 -14.23
N PHE B 441 -10.50 39.26 -13.00
CA PHE B 441 -10.97 40.45 -12.27
C PHE B 441 -9.94 41.09 -11.33
N GLY B 442 -9.06 40.27 -10.71
CA GLY B 442 -8.10 40.78 -9.70
C GLY B 442 -7.19 39.71 -9.08
N GLY B 443 -7.76 38.84 -8.24
CA GLY B 443 -6.96 37.79 -7.60
C GLY B 443 -7.59 37.17 -6.37
FE1 SF4 C . 10.12 -8.54 -3.19
FE2 SF4 C . 9.01 -6.79 -4.67
FE3 SF4 C . 9.40 -6.29 -2.17
FE4 SF4 C . 7.59 -7.83 -2.76
S1 SF4 C . 7.66 -5.78 -3.30
S2 SF4 C . 9.13 -8.13 -1.33
S3 SF4 C . 8.44 -8.82 -4.46
S4 SF4 C . 10.89 -6.62 -3.75
CD MGX D . 8.34 9.12 3.32
NE MGX D . 8.09 7.80 2.77
CZ MGX D . 8.37 6.62 3.32
NH1 MGX D . 8.08 5.49 2.67
NH2 MGX D . 8.96 6.58 4.52
S SO4 E . -38.05 3.83 -24.83
O1 SO4 E . -38.57 4.40 -26.09
O2 SO4 E . -36.68 3.29 -25.03
O3 SO4 E . -38.00 4.88 -23.81
O4 SO4 E . -39.02 2.81 -24.43
S SO4 F . -32.18 8.72 1.09
O1 SO4 F . -31.37 8.79 -0.11
O2 SO4 F . -31.36 9.08 2.23
O3 SO4 F . -33.34 9.61 1.04
O4 SO4 F . -32.61 7.34 1.16
#